data_1UHY
# 
_entry.id   1UHY 
# 
_audit_conform.dict_name       mmcif_pdbx.dic 
_audit_conform.dict_version    5.383 
_audit_conform.dict_location   http://mmcif.pdb.org/dictionaries/ascii/mmcif_pdbx.dic 
# 
loop_
_database_2.database_id 
_database_2.database_code 
_database_2.pdbx_database_accession 
_database_2.pdbx_DOI 
PDB   1UHY         pdb_00001uhy 10.2210/pdb1uhy/pdb 
NDB   UD0037       ?            ?                   
RCSB  RCSB005848   ?            ?                   
WWPDB D_1000005848 ?            ?                   
# 
loop_
_pdbx_audit_revision_history.ordinal 
_pdbx_audit_revision_history.data_content_type 
_pdbx_audit_revision_history.major_revision 
_pdbx_audit_revision_history.minor_revision 
_pdbx_audit_revision_history.revision_date 
1 'Structure model' 1 0 2004-02-03 
2 'Structure model' 1 1 2008-04-27 
3 'Structure model' 1 2 2011-07-13 
4 'Structure model' 1 3 2014-10-22 
5 'Structure model' 1 4 2023-12-27 
# 
_pdbx_audit_revision_details.ordinal             1 
_pdbx_audit_revision_details.revision_ordinal    1 
_pdbx_audit_revision_details.data_content_type   'Structure model' 
_pdbx_audit_revision_details.provider            repository 
_pdbx_audit_revision_details.type                'Initial release' 
_pdbx_audit_revision_details.description         ? 
_pdbx_audit_revision_details.details             ? 
# 
loop_
_pdbx_audit_revision_group.ordinal 
_pdbx_audit_revision_group.revision_ordinal 
_pdbx_audit_revision_group.data_content_type 
_pdbx_audit_revision_group.group 
1 2 'Structure model' 'Version format compliance' 
2 3 'Structure model' 'Version format compliance' 
3 4 'Structure model' 'Derived calculations'      
4 5 'Structure model' 'Data collection'           
5 5 'Structure model' 'Database references'       
6 5 'Structure model' 'Derived calculations'      
# 
loop_
_pdbx_audit_revision_category.ordinal 
_pdbx_audit_revision_category.revision_ordinal 
_pdbx_audit_revision_category.data_content_type 
_pdbx_audit_revision_category.category 
1 5 'Structure model' chem_comp_atom         
2 5 'Structure model' chem_comp_bond         
3 5 'Structure model' database_2             
4 5 'Structure model' pdbx_struct_conn_angle 
5 5 'Structure model' struct_conn            
6 5 'Structure model' struct_conn_type       
7 5 'Structure model' struct_site            
# 
loop_
_pdbx_audit_revision_item.ordinal 
_pdbx_audit_revision_item.revision_ordinal 
_pdbx_audit_revision_item.data_content_type 
_pdbx_audit_revision_item.item 
1  5 'Structure model' '_database_2.pdbx_DOI'                      
2  5 'Structure model' '_database_2.pdbx_database_accession'       
3  5 'Structure model' '_pdbx_struct_conn_angle.ptnr1_auth_seq_id' 
4  5 'Structure model' '_pdbx_struct_conn_angle.ptnr3_auth_seq_id' 
5  5 'Structure model' '_pdbx_struct_conn_angle.value'             
6  5 'Structure model' '_struct_conn.conn_type_id'                 
7  5 'Structure model' '_struct_conn.id'                           
8  5 'Structure model' '_struct_conn.pdbx_dist_value'              
9  5 'Structure model' '_struct_conn.pdbx_leaving_atom_flag'       
10 5 'Structure model' '_struct_conn.ptnr1_auth_comp_id'           
11 5 'Structure model' '_struct_conn.ptnr1_auth_seq_id'            
12 5 'Structure model' '_struct_conn.ptnr1_label_asym_id'          
13 5 'Structure model' '_struct_conn.ptnr1_label_atom_id'          
14 5 'Structure model' '_struct_conn.ptnr1_label_comp_id'          
15 5 'Structure model' '_struct_conn.ptnr1_label_seq_id'           
16 5 'Structure model' '_struct_conn.ptnr2_auth_comp_id'           
17 5 'Structure model' '_struct_conn.ptnr2_auth_seq_id'            
18 5 'Structure model' '_struct_conn.ptnr2_label_asym_id'          
19 5 'Structure model' '_struct_conn.ptnr2_label_atom_id'          
20 5 'Structure model' '_struct_conn.ptnr2_label_comp_id'          
21 5 'Structure model' '_struct_conn.ptnr2_label_seq_id'           
22 5 'Structure model' '_struct_conn_type.id'                      
23 5 'Structure model' '_struct_site.pdbx_auth_asym_id'            
24 5 'Structure model' '_struct_site.pdbx_auth_comp_id'            
25 5 'Structure model' '_struct_site.pdbx_auth_seq_id'             
# 
_pdbx_database_status.status_code                     REL 
_pdbx_database_status.entry_id                        1UHY 
_pdbx_database_status.recvd_initial_deposition_date   2003-07-13 
_pdbx_database_status.deposit_site                    PDBJ 
_pdbx_database_status.process_site                    PDBJ 
_pdbx_database_status.SG_entry                        ? 
_pdbx_database_status.status_code_sf                  ? 
_pdbx_database_status.status_code_mr                  ? 
_pdbx_database_status.status_code_cs                  ? 
_pdbx_database_status.methods_development_category    ? 
_pdbx_database_status.pdb_format_compatible           Y 
_pdbx_database_status.status_code_nmr_data            ? 
# 
_pdbx_database_related.db_name        PDB 
_pdbx_database_related.db_id          1UHX 
_pdbx_database_related.details        'Crystal structure of d(GCGAGAGC)' 
_pdbx_database_related.content_type   unspecified 
# 
loop_
_audit_author.name 
_audit_author.pdbx_ordinal 
'Kondo, J.'    1 
'Umeda, S.I.'  2 
'Fujita, K.'   3 
'Sunami, T.'   4 
'Takenaka, A.' 5 
# 
_citation.id                        primary 
_citation.title                     
;X-ray analyses of d(GCGAXAGC) containing G and T at X: the base-intercalated duplex is still stable even in point mutants at the fifth residue.
;
_citation.journal_abbrev            'J.Synchrotron Radiat.' 
_citation.journal_volume            11 
_citation.page_first                117 
_citation.page_last                 120 
_citation.year                      2004 
_citation.journal_id_ASTM           JSYRES 
_citation.country                   DK 
_citation.journal_id_ISSN           0909-0495 
_citation.journal_id_CSD            1210 
_citation.book_publisher            ? 
_citation.pdbx_database_id_PubMed   14646150 
_citation.pdbx_database_id_DOI      10.1107/S0909049503023562 
# 
loop_
_citation_author.citation_id 
_citation_author.name 
_citation_author.ordinal 
_citation_author.identifier_ORCID 
primary 'Kondo, J.'    1 ? 
primary 'Umeda, S.I.'  2 ? 
primary 'Fujita, K.'   3 ? 
primary 'Sunami, T.'   4 ? 
primary 'Takenaka, A.' 5 ? 
# 
loop_
_entity.id 
_entity.type 
_entity.src_method 
_entity.pdbx_description 
_entity.formula_weight 
_entity.pdbx_number_of_molecules 
_entity.pdbx_ec 
_entity.pdbx_mutation 
_entity.pdbx_fragment 
_entity.details 
1 polymer     syn "5'-D(*GP*(CBR)P*GP*AP*TP*AP*GP*C)-3'" 2530.526 1  ? ? ? ? 
2 non-polymer syn 'SODIUM ION'                           22.990   1  ? ? ? ? 
3 non-polymer syn 'CHLORIDE ION'                         35.453   1  ? ? ? ? 
4 non-polymer syn 'COBALT HEXAMMINE(III)'                161.116  2  ? ? ? ? 
5 water       nat water                                  18.015   91 ? ? ? ? 
# 
_entity_poly.entity_id                      1 
_entity_poly.type                           polydeoxyribonucleotide 
_entity_poly.nstd_linkage                   no 
_entity_poly.nstd_monomer                   yes 
_entity_poly.pdbx_seq_one_letter_code       '(DG)(CBR)(DG)(DA)(DT)(DA)(DG)(DC)' 
_entity_poly.pdbx_seq_one_letter_code_can   GCGATAGC 
_entity_poly.pdbx_strand_id                 A 
_entity_poly.pdbx_target_identifier         ? 
# 
loop_
_pdbx_entity_nonpoly.entity_id 
_pdbx_entity_nonpoly.name 
_pdbx_entity_nonpoly.comp_id 
2 'SODIUM ION'            NA  
3 'CHLORIDE ION'          CL  
4 'COBALT HEXAMMINE(III)' NCO 
5 water                   HOH 
# 
loop_
_entity_poly_seq.entity_id 
_entity_poly_seq.num 
_entity_poly_seq.mon_id 
_entity_poly_seq.hetero 
1 1 DG  n 
1 2 CBR n 
1 3 DG  n 
1 4 DA  n 
1 5 DT  n 
1 6 DA  n 
1 7 DG  n 
1 8 DC  n 
# 
loop_
_chem_comp.id 
_chem_comp.type 
_chem_comp.mon_nstd_flag 
_chem_comp.name 
_chem_comp.pdbx_synonyms 
_chem_comp.formula 
_chem_comp.formula_weight 
CBR 'DNA linking' n "5-BROMO-2'-DEOXY-CYTIDINE-5'-MONOPHOSPHATE" ? 'C9 H13 Br N3 O7 P' 386.093 
CL  non-polymer   . 'CHLORIDE ION'                               ? 'Cl -1'             35.453  
DA  'DNA linking' y "2'-DEOXYADENOSINE-5'-MONOPHOSPHATE"         ? 'C10 H14 N5 O6 P'   331.222 
DC  'DNA linking' y "2'-DEOXYCYTIDINE-5'-MONOPHOSPHATE"          ? 'C9 H14 N3 O7 P'    307.197 
DG  'DNA linking' y "2'-DEOXYGUANOSINE-5'-MONOPHOSPHATE"         ? 'C10 H14 N5 O7 P'   347.221 
DT  'DNA linking' y "THYMIDINE-5'-MONOPHOSPHATE"                 ? 'C10 H15 N2 O8 P'   322.208 
HOH non-polymer   . WATER                                        ? 'H2 O'              18.015  
NA  non-polymer   . 'SODIUM ION'                                 ? 'Na 1'              22.990  
NCO non-polymer   . 'COBALT HEXAMMINE(III)'                      ? 'Co H18 N6 3'       161.116 
# 
loop_
_pdbx_poly_seq_scheme.asym_id 
_pdbx_poly_seq_scheme.entity_id 
_pdbx_poly_seq_scheme.seq_id 
_pdbx_poly_seq_scheme.mon_id 
_pdbx_poly_seq_scheme.ndb_seq_num 
_pdbx_poly_seq_scheme.pdb_seq_num 
_pdbx_poly_seq_scheme.auth_seq_num 
_pdbx_poly_seq_scheme.pdb_mon_id 
_pdbx_poly_seq_scheme.auth_mon_id 
_pdbx_poly_seq_scheme.pdb_strand_id 
_pdbx_poly_seq_scheme.pdb_ins_code 
_pdbx_poly_seq_scheme.hetero 
A 1 1 DG  1 1 1 DG  G   A . n 
A 1 2 CBR 2 2 2 CBR BRO A . n 
A 1 3 DG  3 3 3 DG  G   A . n 
A 1 4 DA  4 4 4 DA  A   A . n 
A 1 5 DT  5 5 5 DT  T   A . n 
A 1 6 DA  6 6 6 DA  A   A . n 
A 1 7 DG  7 7 7 DG  G   A . n 
A 1 8 DC  8 8 8 DC  C   A . n 
# 
loop_
_pdbx_nonpoly_scheme.asym_id 
_pdbx_nonpoly_scheme.entity_id 
_pdbx_nonpoly_scheme.mon_id 
_pdbx_nonpoly_scheme.ndb_seq_num 
_pdbx_nonpoly_scheme.pdb_seq_num 
_pdbx_nonpoly_scheme.auth_seq_num 
_pdbx_nonpoly_scheme.pdb_mon_id 
_pdbx_nonpoly_scheme.auth_mon_id 
_pdbx_nonpoly_scheme.pdb_strand_id 
_pdbx_nonpoly_scheme.pdb_ins_code 
B 2 NA  1  102 102 NA  NA  A . 
C 3 CL  1  103 103 CL  CL  A . 
D 4 NCO 1  100 100 NCO NCO A . 
E 4 NCO 1  101 101 NCO NCO A . 
F 5 HOH 1  9   9   HOH HOH A . 
F 5 HOH 2  10  10  HOH HOH A . 
F 5 HOH 3  11  11  HOH HOH A . 
F 5 HOH 4  12  12  HOH HOH A . 
F 5 HOH 5  13  13  HOH HOH A . 
F 5 HOH 6  14  14  HOH HOH A . 
F 5 HOH 7  15  15  HOH HOH A . 
F 5 HOH 8  16  16  HOH HOH A . 
F 5 HOH 9  17  17  HOH HOH A . 
F 5 HOH 10 18  18  HOH HOH A . 
F 5 HOH 11 19  19  HOH HOH A . 
F 5 HOH 12 20  20  HOH HOH A . 
F 5 HOH 13 21  21  HOH HOH A . 
F 5 HOH 14 22  22  HOH HOH A . 
F 5 HOH 15 23  23  HOH HOH A . 
F 5 HOH 16 24  24  HOH HOH A . 
F 5 HOH 17 25  25  HOH HOH A . 
F 5 HOH 18 26  26  HOH HOH A . 
F 5 HOH 19 27  27  HOH HOH A . 
F 5 HOH 20 28  28  HOH HOH A . 
F 5 HOH 21 29  29  HOH HOH A . 
F 5 HOH 22 30  30  HOH HOH A . 
F 5 HOH 23 31  31  HOH HOH A . 
F 5 HOH 24 32  32  HOH HOH A . 
F 5 HOH 25 33  33  HOH HOH A . 
F 5 HOH 26 34  34  HOH HOH A . 
F 5 HOH 27 35  35  HOH HOH A . 
F 5 HOH 28 36  36  HOH HOH A . 
F 5 HOH 29 37  37  HOH HOH A . 
F 5 HOH 30 38  38  HOH HOH A . 
F 5 HOH 31 39  39  HOH HOH A . 
F 5 HOH 32 40  40  HOH HOH A . 
F 5 HOH 33 41  41  HOH HOH A . 
F 5 HOH 34 42  42  HOH HOH A . 
F 5 HOH 35 43  43  HOH HOH A . 
F 5 HOH 36 44  44  HOH HOH A . 
F 5 HOH 37 45  45  HOH HOH A . 
F 5 HOH 38 46  46  HOH HOH A . 
F 5 HOH 39 47  47  HOH HOH A . 
F 5 HOH 40 48  48  HOH HOH A . 
F 5 HOH 41 49  49  HOH HOH A . 
F 5 HOH 42 50  50  HOH HOH A . 
F 5 HOH 43 51  51  HOH HOH A . 
F 5 HOH 44 52  52  HOH HOH A . 
F 5 HOH 45 53  53  HOH HOH A . 
F 5 HOH 46 54  54  HOH HOH A . 
F 5 HOH 47 55  55  HOH HOH A . 
F 5 HOH 48 56  56  HOH HOH A . 
F 5 HOH 49 57  57  HOH HOH A . 
F 5 HOH 50 58  58  HOH HOH A . 
F 5 HOH 51 59  59  HOH HOH A . 
F 5 HOH 52 60  60  HOH HOH A . 
F 5 HOH 53 61  61  HOH HOH A . 
F 5 HOH 54 62  62  HOH HOH A . 
F 5 HOH 55 63  63  HOH HOH A . 
F 5 HOH 56 64  64  HOH HOH A . 
F 5 HOH 57 65  65  HOH HOH A . 
F 5 HOH 58 66  66  HOH HOH A . 
F 5 HOH 59 67  67  HOH HOH A . 
F 5 HOH 60 68  68  HOH HOH A . 
F 5 HOH 61 69  69  HOH HOH A . 
F 5 HOH 62 70  70  HOH HOH A . 
F 5 HOH 63 71  71  HOH HOH A . 
F 5 HOH 64 72  72  HOH HOH A . 
F 5 HOH 65 73  73  HOH HOH A . 
F 5 HOH 66 74  74  HOH HOH A . 
F 5 HOH 67 75  75  HOH HOH A . 
F 5 HOH 68 76  76  HOH HOH A . 
F 5 HOH 69 77  77  HOH HOH A . 
F 5 HOH 70 78  78  HOH HOH A . 
F 5 HOH 71 79  79  HOH HOH A . 
F 5 HOH 72 80  80  HOH HOH A . 
F 5 HOH 73 81  81  HOH HOH A . 
F 5 HOH 74 82  82  HOH HOH A . 
F 5 HOH 75 83  83  HOH HOH A . 
F 5 HOH 76 84  84  HOH HOH A . 
F 5 HOH 77 85  85  HOH HOH A . 
F 5 HOH 78 86  86  HOH HOH A . 
F 5 HOH 79 87  87  HOH HOH A . 
F 5 HOH 80 88  88  HOH HOH A . 
F 5 HOH 81 89  89  HOH HOH A . 
F 5 HOH 82 90  90  HOH HOH A . 
F 5 HOH 83 91  91  HOH HOH A . 
F 5 HOH 84 92  92  HOH HOH A . 
F 5 HOH 85 93  93  HOH HOH A . 
F 5 HOH 86 94  94  HOH HOH A . 
F 5 HOH 87 95  95  HOH HOH A . 
F 5 HOH 88 96  96  HOH HOH A . 
F 5 HOH 89 97  97  HOH HOH A . 
F 5 HOH 90 98  98  HOH HOH A . 
F 5 HOH 91 99  99  HOH HOH A . 
# 
loop_
_software.name 
_software.classification 
_software.version 
_software.citation_id 
_software.pdbx_ordinal 
MOSFLM 'data reduction' .         ? 1 
SCALA  'data scaling'   .         ? 2 
AMoRE  phasing          .         ? 3 
CNS    refinement       1.0       ? 4 
CCP4   'data scaling'   '(SCALA)' ? 5 
# 
_cell.entry_id           1UHY 
_cell.length_a           37.000 
_cell.length_b           37.000 
_cell.length_c           65.300 
_cell.angle_alpha        90.00 
_cell.angle_beta         90.00 
_cell.angle_gamma        120.00 
_cell.Z_PDB              12 
_cell.pdbx_unique_axis   ? 
_cell.length_a_esd       ? 
_cell.length_b_esd       ? 
_cell.length_c_esd       ? 
_cell.angle_alpha_esd    ? 
_cell.angle_beta_esd     ? 
_cell.angle_gamma_esd    ? 
# 
_symmetry.entry_id                         1UHY 
_symmetry.space_group_name_H-M             'P 63 2 2' 
_symmetry.pdbx_full_space_group_name_H-M   ? 
_symmetry.cell_setting                     ? 
_symmetry.Int_Tables_number                182 
_symmetry.space_group_name_Hall            ? 
# 
_exptl.entry_id          1UHY 
_exptl.method            'X-RAY DIFFRACTION' 
_exptl.crystals_number   1 
# 
_exptl_crystal.id                    1 
_exptl_crystal.density_meas          ? 
_exptl_crystal.density_Matthews      1.70 
_exptl_crystal.density_percent_sol   27.10 
_exptl_crystal.description           ? 
_exptl_crystal.F_000                 ? 
_exptl_crystal.preparation           ? 
# 
_exptl_crystal_grow.crystal_id      1 
_exptl_crystal_grow.method          'VAPOR DIFFUSION, HANGING DROP' 
_exptl_crystal_grow.temp            277 
_exptl_crystal_grow.temp_details    ? 
_exptl_crystal_grow.pH              7.0 
_exptl_crystal_grow.pdbx_details    
;2-methyl-2,4-pentandiol, hexamine cobalt chloride, sodium chloride, sodium cacodylate, pH 7.0, VAPOR DIFFUSION, HANGING DROP, temperature 277K
;
_exptl_crystal_grow.pdbx_pH_range   . 
# 
loop_
_exptl_crystal_grow_comp.crystal_id 
_exptl_crystal_grow_comp.id 
_exptl_crystal_grow_comp.sol_id 
_exptl_crystal_grow_comp.name 
_exptl_crystal_grow_comp.volume 
_exptl_crystal_grow_comp.conc 
_exptl_crystal_grow_comp.details 
1 1 1 2-methyl-2,4-pentandiol    ? ? ? 
1 2 1 'hexamine cobalt chloride' ? ? ? 
1 3 1 'magnesium chloride'       ? ? ? 
1 4 1 'sodium cacodylate'        ? ? ? 
1 5 2 'hexamine cobalt chloride' ? ? ? 
1 6 2 'magnesium chloride'       ? ? ? 
1 7 2 'sodium cacodylate'        ? ? ? 
# 
_diffrn.id                     1 
_diffrn.ambient_temp           100 
_diffrn.ambient_temp_details   ? 
_diffrn.crystal_id             1 
# 
_diffrn_detector.diffrn_id              1 
_diffrn_detector.detector               CCD 
_diffrn_detector.type                   'OXFORD PX210' 
_diffrn_detector.pdbx_collection_date   2002-05-25 
_diffrn_detector.details                ? 
# 
_diffrn_radiation.diffrn_id                        1 
_diffrn_radiation.wavelength_id                    1 
_diffrn_radiation.pdbx_monochromatic_or_laue_m_l   M 
_diffrn_radiation.monochromator                    ? 
_diffrn_radiation.pdbx_diffrn_protocol             'SINGLE WAVELENGTH' 
_diffrn_radiation.pdbx_scattering_type             x-ray 
# 
_diffrn_radiation_wavelength.id           1 
_diffrn_radiation_wavelength.wavelength   0.90 
_diffrn_radiation_wavelength.wt           1.0 
# 
_diffrn_source.diffrn_id                   1 
_diffrn_source.source                      SYNCHROTRON 
_diffrn_source.type                        'SPRING-8 BEAMLINE BL44XU' 
_diffrn_source.pdbx_synchrotron_site       SPring-8 
_diffrn_source.pdbx_synchrotron_beamline   BL44XU 
_diffrn_source.pdbx_wavelength             ? 
_diffrn_source.pdbx_wavelength_list        0.90 
# 
_reflns.entry_id                     1UHY 
_reflns.observed_criterion_sigma_F   ? 
_reflns.observed_criterion_sigma_I   ? 
_reflns.d_resolution_high            1.7 
_reflns.d_resolution_low             65.3 
_reflns.number_all                   2991 
_reflns.number_obs                   2919 
_reflns.percent_possible_obs         89.7 
_reflns.pdbx_Rmerge_I_obs            0.101 
_reflns.pdbx_Rsym_value              ? 
_reflns.pdbx_netI_over_sigmaI        4.7 
_reflns.B_iso_Wilson_estimate        ? 
_reflns.pdbx_redundancy              ? 
_reflns.R_free_details               ? 
_reflns.pdbx_ordinal                 1 
_reflns.pdbx_diffrn_id               1 
_reflns.pdbx_chi_squared             ? 
_reflns.pdbx_scaling_rejects         ? 
# 
_reflns_shell.d_res_high             1.7 
_reflns_shell.d_res_low              1.8 
_reflns_shell.percent_possible_all   83.5 
_reflns_shell.Rmerge_I_obs           0.215 
_reflns_shell.pdbx_Rsym_value        ? 
_reflns_shell.meanI_over_sigI_obs    3.0 
_reflns_shell.pdbx_redundancy        ? 
_reflns_shell.percent_possible_obs   ? 
_reflns_shell.number_unique_all      ? 
_reflns_shell.pdbx_ordinal           1 
_reflns_shell.pdbx_diffrn_id         1 
_reflns_shell.number_measured_all    ? 
_reflns_shell.number_measured_obs    ? 
_reflns_shell.number_unique_obs      ? 
_reflns_shell.pdbx_chi_squared       ? 
# 
_refine.entry_id                                 1UHY 
_refine.ls_d_res_high                            1.7 
_refine.ls_d_res_low                             22.87 
_refine.pdbx_ls_sigma_F                          3.0 
_refine.pdbx_ls_sigma_I                          ? 
_refine.ls_number_reflns_all                     3255 
_refine.ls_number_reflns_obs                     2707 
_refine.ls_number_reflns_R_free                  250 
_refine.ls_percent_reflns_obs                    83.2 
_refine.ls_R_factor_all                          ? 
_refine.ls_R_factor_obs                          ? 
_refine.ls_R_factor_R_work                       0.224 
_refine.ls_R_factor_R_free                       0.239 
_refine.ls_redundancy_reflns_obs                 ? 
_refine.pdbx_data_cutoff_high_absF               ? 
_refine.pdbx_data_cutoff_low_absF                ? 
_refine.ls_number_parameters                     ? 
_refine.ls_number_restraints                     ? 
_refine.ls_percent_reflns_R_free                 ? 
_refine.ls_R_factor_R_free_error                 ? 
_refine.ls_R_factor_R_free_error_details         ? 
_refine.pdbx_method_to_determine_struct          'MOLECULAR REPLACEMENT' 
_refine.pdbx_starting_model                      ? 
_refine.pdbx_ls_cross_valid_method               THROUGHOUT 
_refine.pdbx_R_Free_selection_details            RANDOM 
_refine.pdbx_stereochem_target_val_spec_case     ? 
_refine.pdbx_stereochemistry_target_values       'G. PARKINSON ET AL., (1996) ACTACRYST. D52, 57-64' 
_refine.solvent_model_details                    ? 
_refine.solvent_model_param_bsol                 ? 
_refine.solvent_model_param_ksol                 ? 
_refine.occupancy_max                            ? 
_refine.occupancy_min                            ? 
_refine.pdbx_isotropic_thermal_model             ? 
_refine.B_iso_mean                               ? 
_refine.aniso_B[1][1]                            -3.286 
_refine.aniso_B[1][2]                            -1.564 
_refine.aniso_B[1][3]                            0.000 
_refine.aniso_B[2][2]                            -3.286 
_refine.aniso_B[2][3]                            0.000 
_refine.aniso_B[3][3]                            6.573 
_refine.details                                  ? 
_refine.correlation_coeff_Fo_to_Fc               ? 
_refine.correlation_coeff_Fo_to_Fc_free          ? 
_refine.pdbx_solvent_vdw_probe_radii             ? 
_refine.pdbx_solvent_ion_probe_radii             ? 
_refine.pdbx_solvent_shrinkage_radii             ? 
_refine.overall_SU_R_Cruickshank_DPI             ? 
_refine.overall_SU_R_free                        ? 
_refine.overall_SU_B                             ? 
_refine.overall_SU_ML                            ? 
_refine.pdbx_overall_ESU_R                       ? 
_refine.pdbx_overall_ESU_R_Free                  ? 
_refine.pdbx_data_cutoff_high_rms_absF           ? 
_refine.pdbx_refine_id                           'X-RAY DIFFRACTION' 
_refine.pdbx_diffrn_id                           1 
_refine.pdbx_overall_phase_error                 ? 
_refine.ls_wR_factor_R_free                      ? 
_refine.ls_wR_factor_R_work                      ? 
_refine.overall_FOM_free_R_set                   ? 
_refine.overall_FOM_work_R_set                   ? 
_refine.pdbx_TLS_residual_ADP_flag               ? 
_refine.pdbx_overall_SU_R_free_Cruickshank_DPI   ? 
_refine.pdbx_overall_SU_R_Blow_DPI               ? 
_refine.pdbx_overall_SU_R_free_Blow_DPI          ? 
# 
_refine_analyze.entry_id                        1UHY 
_refine_analyze.Luzzati_coordinate_error_obs    0.20 
_refine_analyze.Luzzati_sigma_a_obs             0.09 
_refine_analyze.Luzzati_d_res_low_obs           5.0 
_refine_analyze.Luzzati_coordinate_error_free   ? 
_refine_analyze.Luzzati_sigma_a_free            ? 
_refine_analyze.Luzzati_d_res_low_free          ? 
_refine_analyze.number_disordered_residues      ? 
_refine_analyze.occupancy_sum_non_hydrogen      ? 
_refine_analyze.occupancy_sum_hydrogen          ? 
_refine_analyze.pdbx_refine_id                  'X-RAY DIFFRACTION' 
# 
_refine_hist.pdbx_refine_id                   'X-RAY DIFFRACTION' 
_refine_hist.cycle_id                         LAST 
_refine_hist.pdbx_number_atoms_protein        0 
_refine_hist.pdbx_number_atoms_nucleic_acid   164 
_refine_hist.pdbx_number_atoms_ligand         16 
_refine_hist.number_atoms_solvent             91 
_refine_hist.number_atoms_total               271 
_refine_hist.d_res_high                       1.7 
_refine_hist.d_res_low                        22.87 
# 
loop_
_refine_ls_restr.type 
_refine_ls_restr.dev_ideal 
_refine_ls_restr.dev_ideal_target 
_refine_ls_restr.weight 
_refine_ls_restr.number 
_refine_ls_restr.pdbx_refine_id 
_refine_ls_restr.pdbx_restraint_function 
c_bond_d           0.005 ? ? ? 'X-RAY DIFFRACTION' ? 
c_angle_deg        0.9   ? ? ? 'X-RAY DIFFRACTION' ? 
c_dihedral_angle_d 22.2  ? ? ? 'X-RAY DIFFRACTION' ? 
c_improper_angle_d 0.9   ? ? ? 'X-RAY DIFFRACTION' ? 
# 
_refine_ls_shell.pdbx_total_number_of_bins_used   ? 
_refine_ls_shell.d_res_high                       1.70 
_refine_ls_shell.d_res_low                        1.78 
_refine_ls_shell.number_reflns_R_work             ? 
_refine_ls_shell.R_factor_R_work                  0.213 
_refine_ls_shell.percent_reflns_obs               ? 
_refine_ls_shell.R_factor_R_free                  0.298 
_refine_ls_shell.R_factor_R_free_error            ? 
_refine_ls_shell.percent_reflns_R_free            ? 
_refine_ls_shell.number_reflns_R_free             26 
_refine_ls_shell.redundancy_reflns_obs            ? 
_refine_ls_shell.pdbx_refine_id                   'X-RAY DIFFRACTION' 
_refine_ls_shell.number_reflns_all                ? 
_refine_ls_shell.number_reflns_obs                ? 
_refine_ls_shell.R_factor_all                     ? 
# 
_struct.entry_id                  1UHY 
_struct.title                     'Crystal structure of d(GCGATAGC): the base-intercalated duplex' 
_struct.pdbx_model_details        ? 
_struct.pdbx_CASP_flag            ? 
_struct.pdbx_model_type_details   ? 
# 
_struct_keywords.entry_id        1UHY 
_struct_keywords.pdbx_keywords   DNA 
_struct_keywords.text            'base-intercalated duplex, base-intercalated motif, sheared G:A pair, DNA, Deoxyribonucleic acid' 
# 
loop_
_struct_asym.id 
_struct_asym.pdbx_blank_PDB_chainid_flag 
_struct_asym.pdbx_modified 
_struct_asym.entity_id 
_struct_asym.details 
A N N 1 ? 
B N N 2 ? 
C N N 3 ? 
D N N 4 ? 
E N N 4 ? 
F N N 5 ? 
# 
_struct_ref.id                         1 
_struct_ref.entity_id                  1 
_struct_ref.db_name                    PDB 
_struct_ref.db_code                    1UHY 
_struct_ref.pdbx_db_accession          1UHY 
_struct_ref.pdbx_align_begin           ? 
_struct_ref.pdbx_seq_one_letter_code   ? 
_struct_ref.pdbx_db_isoform            ? 
# 
_struct_ref_seq.align_id                      1 
_struct_ref_seq.ref_id                        1 
_struct_ref_seq.pdbx_PDB_id_code              1UHY 
_struct_ref_seq.pdbx_strand_id                A 
_struct_ref_seq.seq_align_beg                 1 
_struct_ref_seq.pdbx_seq_align_beg_ins_code   ? 
_struct_ref_seq.seq_align_end                 8 
_struct_ref_seq.pdbx_seq_align_end_ins_code   ? 
_struct_ref_seq.pdbx_db_accession             1UHY 
_struct_ref_seq.db_align_beg                  1 
_struct_ref_seq.pdbx_db_align_beg_ins_code    ? 
_struct_ref_seq.db_align_end                  8 
_struct_ref_seq.pdbx_db_align_end_ins_code    ? 
_struct_ref_seq.pdbx_auth_seq_align_beg       1 
_struct_ref_seq.pdbx_auth_seq_align_end       8 
# 
_pdbx_struct_assembly.id                   1 
_pdbx_struct_assembly.details              author_defined_assembly 
_pdbx_struct_assembly.method_details       ? 
_pdbx_struct_assembly.oligomeric_details   hexameric 
_pdbx_struct_assembly.oligomeric_count     6 
# 
_pdbx_struct_assembly_gen.assembly_id       1 
_pdbx_struct_assembly_gen.oper_expression   1,2,3,4,5,6 
_pdbx_struct_assembly_gen.asym_id_list      A,B,C,D,E,F 
# 
loop_
_pdbx_struct_oper_list.id 
_pdbx_struct_oper_list.type 
_pdbx_struct_oper_list.name 
_pdbx_struct_oper_list.symmetry_operation 
_pdbx_struct_oper_list.matrix[1][1] 
_pdbx_struct_oper_list.matrix[1][2] 
_pdbx_struct_oper_list.matrix[1][3] 
_pdbx_struct_oper_list.vector[1] 
_pdbx_struct_oper_list.matrix[2][1] 
_pdbx_struct_oper_list.matrix[2][2] 
_pdbx_struct_oper_list.matrix[2][3] 
_pdbx_struct_oper_list.vector[2] 
_pdbx_struct_oper_list.matrix[3][1] 
_pdbx_struct_oper_list.matrix[3][2] 
_pdbx_struct_oper_list.matrix[3][3] 
_pdbx_struct_oper_list.vector[3] 
1 'identity operation'         1_555  x,y,z            1.0000000000  0.0000000000  0.0000000000  0.0000000000  0.0000000000  1.0000000000  0.0000000000  0.0000000000  0.0000000000  0.0000000000  1.0000000000  0.0000000000  
2 'crystal symmetry operation' 10_665 -y+1,-x+1,-z+1/2 -0.8721808473 -0.3949629652 -0.2886257536 0.6431485511  -0.3949629652 0.2204410735  0.8918576059  2.4131027801  -0.2886257536 0.8918576059  -0.3482602262 -3.0173313218 
3 'crystal symmetry operation' 2_655  -y+1,x-y,z       0.1316827112  -0.8979757296 0.4198800456  4.2436397483  0.3125392952  -0.3643560237 -0.8772478994 15.4881801603 0.9407331463  0.2467473953  0.2326733126  2.7238286882  
4 'crystal symmetry operation' 12_555 x,x-y,-z+1/2     0.1186278237  0.1245126843  -0.9851010257 0.8945063506  0.1245126843  -0.9861406911 -0.1096500288 17.4569083851 -0.9851010257 -0.1096500288 -0.1324871326 3.2222342001  
5 'crystal symmetry operation' 3_665  -x+y+1,-x+1,z    0.1316827112  0.3125392952  0.9407331463  -7.9618748303 -0.8979757296 -0.3643560237 0.2467473953  8.7817996034  0.4198800456  -0.8772478994 0.2326733126  11.1713916163 
6 'crystal symmetry operation' 11_655 -x+y+1,y,-z+1/2  -0.5098123987 0.8558867153  -0.0868864125 -9.9614974309 0.8558867153  0.4944116650  -0.1517070730 6.5805206360  -0.0868864125 -0.1517070730 -0.9845992664 8.6224950405 
# 
_struct_biol.id                    1 
_struct_biol.pdbx_parent_biol_id   ? 
_struct_biol.details               ? 
# 
loop_
_struct_conn.id 
_struct_conn.conn_type_id 
_struct_conn.pdbx_leaving_atom_flag 
_struct_conn.pdbx_PDB_id 
_struct_conn.ptnr1_label_asym_id 
_struct_conn.ptnr1_label_comp_id 
_struct_conn.ptnr1_label_seq_id 
_struct_conn.ptnr1_label_atom_id 
_struct_conn.pdbx_ptnr1_label_alt_id 
_struct_conn.pdbx_ptnr1_PDB_ins_code 
_struct_conn.pdbx_ptnr1_standard_comp_id 
_struct_conn.ptnr1_symmetry 
_struct_conn.ptnr2_label_asym_id 
_struct_conn.ptnr2_label_comp_id 
_struct_conn.ptnr2_label_seq_id 
_struct_conn.ptnr2_label_atom_id 
_struct_conn.pdbx_ptnr2_label_alt_id 
_struct_conn.pdbx_ptnr2_PDB_ins_code 
_struct_conn.ptnr1_auth_asym_id 
_struct_conn.ptnr1_auth_comp_id 
_struct_conn.ptnr1_auth_seq_id 
_struct_conn.ptnr2_auth_asym_id 
_struct_conn.ptnr2_auth_comp_id 
_struct_conn.ptnr2_auth_seq_id 
_struct_conn.ptnr2_symmetry 
_struct_conn.pdbx_ptnr3_label_atom_id 
_struct_conn.pdbx_ptnr3_label_seq_id 
_struct_conn.pdbx_ptnr3_label_comp_id 
_struct_conn.pdbx_ptnr3_label_asym_id 
_struct_conn.pdbx_ptnr3_label_alt_id 
_struct_conn.pdbx_ptnr3_PDB_ins_code 
_struct_conn.details 
_struct_conn.pdbx_dist_value 
_struct_conn.pdbx_value_order 
_struct_conn.pdbx_role 
covale1  covale both ? A DG  1 "O3'" ? ? ? 1_555 A CBR 2 P  ? ? A DG  1  A CBR 2   1_555 ? ? ? ? ? ? ?            1.605 ? ? 
covale2  covale both ? A CBR 2 "O3'" ? ? ? 1_555 A DG  3 P  ? ? A CBR 2  A DG  3   1_555 ? ? ? ? ? ? ?            1.605 ? ? 
metalc1  metalc ?    ? F HOH . O     ? ? ? 1_555 B NA  . NA ? ? A HOH 39 A NA  102 1_555 ? ? ? ? ? ? ?            2.183 ? ? 
metalc2  metalc ?    ? F HOH . O     ? ? ? 1_555 B NA  . NA ? ? A HOH 44 A NA  102 1_555 ? ? ? ? ? ? ?            2.172 ? ? 
metalc3  metalc ?    ? F HOH . O     ? ? ? 1_555 B NA  . NA ? ? A HOH 48 A NA  102 1_555 ? ? ? ? ? ? ?            2.181 ? ? 
metalc4  metalc ?    ? F HOH . O     ? ? ? 1_555 B NA  . NA ? ? A HOH 49 A NA  102 1_555 ? ? ? ? ? ? ?            2.106 ? ? 
metalc5  metalc ?    ? F HOH . O     ? ? ? 1_555 B NA  . NA ? ? A HOH 63 A NA  102 1_555 ? ? ? ? ? ? ?            2.164 ? ? 
metalc6  metalc ?    ? F HOH . O     ? ? ? 1_555 B NA  . NA ? ? A HOH 67 A NA  102 1_555 ? ? ? ? ? ? ?            2.194 ? ? 
hydrog1  hydrog ?    ? A DG  1 N1    ? ? ? 1_555 A DC  8 N3 ? ? A DG  1  A DC  8   8_665 ? ? ? ? ? ? WATSON-CRICK ?     ? ? 
hydrog2  hydrog ?    ? A DG  1 N2    ? ? ? 1_555 A DC  8 O2 ? ? A DG  1  A DC  8   8_665 ? ? ? ? ? ? WATSON-CRICK ?     ? ? 
hydrog3  hydrog ?    ? A DG  1 O6    ? ? ? 1_555 A DC  8 N4 ? ? A DG  1  A DC  8   8_665 ? ? ? ? ? ? WATSON-CRICK ?     ? ? 
hydrog4  hydrog ?    ? A CBR 2 N3    ? ? ? 1_555 A DG  7 N1 ? ? A CBR 2  A DG  7   8_665 ? ? ? ? ? ? WATSON-CRICK ?     ? ? 
hydrog5  hydrog ?    ? A CBR 2 N4    ? ? ? 1_555 A DG  7 O6 ? ? A CBR 2  A DG  7   8_665 ? ? ? ? ? ? WATSON-CRICK ?     ? ? 
hydrog6  hydrog ?    ? A CBR 2 O2    ? ? ? 1_555 A DG  7 N2 ? ? A CBR 2  A DG  7   8_665 ? ? ? ? ? ? WATSON-CRICK ?     ? ? 
hydrog7  hydrog ?    ? A DG  3 N2    ? ? ? 1_555 A DA  6 N7 ? ? A DG  3  A DA  6   8_665 ? ? ? ? ? ? TYPE_11_PAIR ?     ? ? 
hydrog8  hydrog ?    ? A DG  3 N3    ? ? ? 1_555 A DA  6 N6 ? ? A DG  3  A DA  6   8_665 ? ? ? ? ? ? TYPE_11_PAIR ?     ? ? 
hydrog9  hydrog ?    ? A DA  6 N6    ? ? ? 1_555 A DG  3 N3 ? ? A DA  6  A DG  3   8_665 ? ? ? ? ? ? TYPE_11_PAIR ?     ? ? 
hydrog10 hydrog ?    ? A DA  6 N7    ? ? ? 1_555 A DG  3 N2 ? ? A DA  6  A DG  3   8_665 ? ? ? ? ? ? TYPE_11_PAIR ?     ? ? 
hydrog11 hydrog ?    ? A DG  7 N1    ? ? ? 1_555 A CBR 2 N3 ? ? A DG  7  A CBR 2   8_665 ? ? ? ? ? ? WATSON-CRICK ?     ? ? 
hydrog12 hydrog ?    ? A DG  7 N2    ? ? ? 1_555 A CBR 2 O2 ? ? A DG  7  A CBR 2   8_665 ? ? ? ? ? ? WATSON-CRICK ?     ? ? 
hydrog13 hydrog ?    ? A DG  7 O6    ? ? ? 1_555 A CBR 2 N4 ? ? A DG  7  A CBR 2   8_665 ? ? ? ? ? ? WATSON-CRICK ?     ? ? 
hydrog14 hydrog ?    ? A DC  8 N3    ? ? ? 1_555 A DG  1 N1 ? ? A DC  8  A DG  1   8_665 ? ? ? ? ? ? WATSON-CRICK ?     ? ? 
hydrog15 hydrog ?    ? A DC  8 N4    ? ? ? 1_555 A DG  1 O6 ? ? A DC  8  A DG  1   8_665 ? ? ? ? ? ? WATSON-CRICK ?     ? ? 
hydrog16 hydrog ?    ? A DC  8 O2    ? ? ? 1_555 A DG  1 N2 ? ? A DC  8  A DG  1   8_665 ? ? ? ? ? ? WATSON-CRICK ?     ? ? 
# 
loop_
_struct_conn_type.id 
_struct_conn_type.criteria 
_struct_conn_type.reference 
covale ? ? 
metalc ? ? 
hydrog ? ? 
# 
loop_
_pdbx_struct_conn_angle.id 
_pdbx_struct_conn_angle.ptnr1_label_atom_id 
_pdbx_struct_conn_angle.ptnr1_label_alt_id 
_pdbx_struct_conn_angle.ptnr1_label_asym_id 
_pdbx_struct_conn_angle.ptnr1_label_comp_id 
_pdbx_struct_conn_angle.ptnr1_label_seq_id 
_pdbx_struct_conn_angle.ptnr1_auth_atom_id 
_pdbx_struct_conn_angle.ptnr1_auth_asym_id 
_pdbx_struct_conn_angle.ptnr1_auth_comp_id 
_pdbx_struct_conn_angle.ptnr1_auth_seq_id 
_pdbx_struct_conn_angle.ptnr1_PDB_ins_code 
_pdbx_struct_conn_angle.ptnr1_symmetry 
_pdbx_struct_conn_angle.ptnr2_label_atom_id 
_pdbx_struct_conn_angle.ptnr2_label_alt_id 
_pdbx_struct_conn_angle.ptnr2_label_asym_id 
_pdbx_struct_conn_angle.ptnr2_label_comp_id 
_pdbx_struct_conn_angle.ptnr2_label_seq_id 
_pdbx_struct_conn_angle.ptnr2_auth_atom_id 
_pdbx_struct_conn_angle.ptnr2_auth_asym_id 
_pdbx_struct_conn_angle.ptnr2_auth_comp_id 
_pdbx_struct_conn_angle.ptnr2_auth_seq_id 
_pdbx_struct_conn_angle.ptnr2_PDB_ins_code 
_pdbx_struct_conn_angle.ptnr2_symmetry 
_pdbx_struct_conn_angle.ptnr3_label_atom_id 
_pdbx_struct_conn_angle.ptnr3_label_alt_id 
_pdbx_struct_conn_angle.ptnr3_label_asym_id 
_pdbx_struct_conn_angle.ptnr3_label_comp_id 
_pdbx_struct_conn_angle.ptnr3_label_seq_id 
_pdbx_struct_conn_angle.ptnr3_auth_atom_id 
_pdbx_struct_conn_angle.ptnr3_auth_asym_id 
_pdbx_struct_conn_angle.ptnr3_auth_comp_id 
_pdbx_struct_conn_angle.ptnr3_auth_seq_id 
_pdbx_struct_conn_angle.ptnr3_PDB_ins_code 
_pdbx_struct_conn_angle.ptnr3_symmetry 
_pdbx_struct_conn_angle.value 
_pdbx_struct_conn_angle.value_esd 
1  O ? F HOH . ? A HOH 39 ? 1_555 NA ? B NA . ? A NA 102 ? 1_555 O ? F HOH . ? A HOH 44 ? 1_555 179.4 ? 
2  O ? F HOH . ? A HOH 39 ? 1_555 NA ? B NA . ? A NA 102 ? 1_555 O ? F HOH . ? A HOH 48 ? 1_555 89.8  ? 
3  O ? F HOH . ? A HOH 44 ? 1_555 NA ? B NA . ? A NA 102 ? 1_555 O ? F HOH . ? A HOH 48 ? 1_555 89.7  ? 
4  O ? F HOH . ? A HOH 39 ? 1_555 NA ? B NA . ? A NA 102 ? 1_555 O ? F HOH . ? A HOH 49 ? 1_555 90.1  ? 
5  O ? F HOH . ? A HOH 44 ? 1_555 NA ? B NA . ? A NA 102 ? 1_555 O ? F HOH . ? A HOH 49 ? 1_555 90.1  ? 
6  O ? F HOH . ? A HOH 48 ? 1_555 NA ? B NA . ? A NA 102 ? 1_555 O ? F HOH . ? A HOH 49 ? 1_555 90.1  ? 
7  O ? F HOH . ? A HOH 39 ? 1_555 NA ? B NA . ? A NA 102 ? 1_555 O ? F HOH . ? A HOH 63 ? 1_555 89.5  ? 
8  O ? F HOH . ? A HOH 44 ? 1_555 NA ? B NA . ? A NA 102 ? 1_555 O ? F HOH . ? A HOH 63 ? 1_555 91.0  ? 
9  O ? F HOH . ? A HOH 48 ? 1_555 NA ? B NA . ? A NA 102 ? 1_555 O ? F HOH . ? A HOH 63 ? 1_555 178.1 ? 
10 O ? F HOH . ? A HOH 49 ? 1_555 NA ? B NA . ? A NA 102 ? 1_555 O ? F HOH . ? A HOH 63 ? 1_555 91.6  ? 
11 O ? F HOH . ? A HOH 39 ? 1_555 NA ? B NA . ? A NA 102 ? 1_555 O ? F HOH . ? A HOH 67 ? 1_555 90.4  ? 
12 O ? F HOH . ? A HOH 44 ? 1_555 NA ? B NA . ? A NA 102 ? 1_555 O ? F HOH . ? A HOH 67 ? 1_555 89.4  ? 
13 O ? F HOH . ? A HOH 48 ? 1_555 NA ? B NA . ? A NA 102 ? 1_555 O ? F HOH . ? A HOH 67 ? 1_555 89.0  ? 
14 O ? F HOH . ? A HOH 49 ? 1_555 NA ? B NA . ? A NA 102 ? 1_555 O ? F HOH . ? A HOH 67 ? 1_555 179.0 ? 
15 O ? F HOH . ? A HOH 63 ? 1_555 NA ? B NA . ? A NA 102 ? 1_555 O ? F HOH . ? A HOH 67 ? 1_555 89.2  ? 
# 
loop_
_struct_site.id 
_struct_site.pdbx_evidence_code 
_struct_site.pdbx_auth_asym_id 
_struct_site.pdbx_auth_comp_id 
_struct_site.pdbx_auth_seq_id 
_struct_site.pdbx_auth_ins_code 
_struct_site.pdbx_num_residues 
_struct_site.details 
AC1 Software A NA  102 ? 6  'BINDING SITE FOR RESIDUE NA A 102'  
AC2 Software A CL  103 ? 9  'BINDING SITE FOR RESIDUE CL A 103'  
AC3 Software A NCO 100 ? 18 'BINDING SITE FOR RESIDUE NCO A 100' 
AC4 Software A NCO 101 ? 9  'BINDING SITE FOR RESIDUE NCO A 101' 
# 
loop_
_struct_site_gen.id 
_struct_site_gen.site_id 
_struct_site_gen.pdbx_num_res 
_struct_site_gen.label_comp_id 
_struct_site_gen.label_asym_id 
_struct_site_gen.label_seq_id 
_struct_site_gen.pdbx_auth_ins_code 
_struct_site_gen.auth_comp_id 
_struct_site_gen.auth_asym_id 
_struct_site_gen.auth_seq_id 
_struct_site_gen.label_atom_id 
_struct_site_gen.label_alt_id 
_struct_site_gen.symmetry 
_struct_site_gen.details 
1  AC1 6  HOH F . ? HOH A 39  . ? 1_555  ? 
2  AC1 6  HOH F . ? HOH A 44  . ? 1_555  ? 
3  AC1 6  HOH F . ? HOH A 48  . ? 1_555  ? 
4  AC1 6  HOH F . ? HOH A 49  . ? 1_555  ? 
5  AC1 6  HOH F . ? HOH A 63  . ? 1_555  ? 
6  AC1 6  HOH F . ? HOH A 67  . ? 1_555  ? 
7  AC2 9  DA  A 4 ? DA  A 4   . ? 12_555 ? 
8  AC2 9  DA  A 4 ? DA  A 4   . ? 11_655 ? 
9  AC2 9  DA  A 4 ? DA  A 4   . ? 10_665 ? 
10 AC2 9  HOH F . ? HOH A 41  . ? 10_665 ? 
11 AC2 9  HOH F . ? HOH A 41  . ? 11_655 ? 
12 AC2 9  HOH F . ? HOH A 41  . ? 12_555 ? 
13 AC2 9  NCO E . ? NCO A 101 . ? 11_655 ? 
14 AC2 9  NCO E . ? NCO A 101 . ? 12_555 ? 
15 AC2 9  NCO E . ? NCO A 101 . ? 10_665 ? 
16 AC3 18 DT  A 5 ? DT  A 5   . ? 12_555 ? 
17 AC3 18 DT  A 5 ? DT  A 5   . ? 10_665 ? 
18 AC3 18 DT  A 5 ? DT  A 5   . ? 11_655 ? 
19 AC3 18 DT  A 5 ? DT  A 5   . ? 3_665  ? 
20 AC3 18 DT  A 5 ? DT  A 5   . ? 1_555  ? 
21 AC3 18 DT  A 5 ? DT  A 5   . ? 2_655  ? 
22 AC3 18 HOH F . ? HOH A 41  . ? 3_665  ? 
23 AC3 18 HOH F . ? HOH A 41  . ? 12_555 ? 
24 AC3 18 HOH F . ? HOH A 41  . ? 10_665 ? 
25 AC3 18 HOH F . ? HOH A 41  . ? 1_555  ? 
26 AC3 18 HOH F . ? HOH A 41  . ? 2_655  ? 
27 AC3 18 HOH F . ? HOH A 41  . ? 11_655 ? 
28 AC3 18 HOH F . ? HOH A 52  . ? 11_655 ? 
29 AC3 18 HOH F . ? HOH A 52  . ? 1_555  ? 
30 AC3 18 HOH F . ? HOH A 52  . ? 2_655  ? 
31 AC3 18 HOH F . ? HOH A 52  . ? 10_665 ? 
32 AC3 18 HOH F . ? HOH A 52  . ? 12_555 ? 
33 AC3 18 HOH F . ? HOH A 52  . ? 3_665  ? 
34 AC4 9  CBR A 2 ? CBR A 2   . ? 1_555  ? 
35 AC4 9  CBR A 2 ? CBR A 2   . ? 2_655  ? 
36 AC4 9  CBR A 2 ? CBR A 2   . ? 3_665  ? 
37 AC4 9  DG  A 3 ? DG  A 3   . ? 1_555  ? 
38 AC4 9  DG  A 3 ? DG  A 3   . ? 3_665  ? 
39 AC4 9  DG  A 3 ? DG  A 3   . ? 2_655  ? 
40 AC4 9  CL  C . ? CL  A 103 . ? 12_555 ? 
41 AC4 9  CL  C . ? CL  A 103 . ? 11_655 ? 
42 AC4 9  CL  C . ? CL  A 103 . ? 10_665 ? 
# 
_pdbx_struct_mod_residue.id               1 
_pdbx_struct_mod_residue.label_asym_id    A 
_pdbx_struct_mod_residue.label_comp_id    CBR 
_pdbx_struct_mod_residue.label_seq_id     2 
_pdbx_struct_mod_residue.auth_asym_id     A 
_pdbx_struct_mod_residue.auth_comp_id     CBR 
_pdbx_struct_mod_residue.auth_seq_id      2 
_pdbx_struct_mod_residue.PDB_ins_code     ? 
_pdbx_struct_mod_residue.parent_comp_id   DC 
_pdbx_struct_mod_residue.details          ? 
# 
loop_
_pdbx_struct_special_symmetry.id 
_pdbx_struct_special_symmetry.PDB_model_num 
_pdbx_struct_special_symmetry.auth_asym_id 
_pdbx_struct_special_symmetry.auth_comp_id 
_pdbx_struct_special_symmetry.auth_seq_id 
_pdbx_struct_special_symmetry.PDB_ins_code 
_pdbx_struct_special_symmetry.label_asym_id 
_pdbx_struct_special_symmetry.label_comp_id 
_pdbx_struct_special_symmetry.label_seq_id 
1  1 A CL  103 ? C CL  . 
2  1 A NCO 100 ? D NCO . 
3  1 A NCO 101 ? E NCO . 
4  1 A HOH 13  ? F HOH . 
5  1 A HOH 45  ? F HOH . 
6  1 A HOH 47  ? F HOH . 
7  1 A HOH 52  ? F HOH . 
8  1 A HOH 55  ? F HOH . 
9  1 A HOH 84  ? F HOH . 
10 1 A HOH 85  ? F HOH . 
11 1 A HOH 86  ? F HOH . 
12 1 A HOH 90  ? F HOH . 
13 1 A HOH 95  ? F HOH . 
14 1 A HOH 96  ? F HOH . 
# 
loop_
_chem_comp_atom.comp_id 
_chem_comp_atom.atom_id 
_chem_comp_atom.type_symbol 
_chem_comp_atom.pdbx_aromatic_flag 
_chem_comp_atom.pdbx_stereo_config 
_chem_comp_atom.pdbx_ordinal 
CBR BR     BR N N 1   
CBR P      P  N N 2   
CBR OP1    O  N N 3   
CBR OP2    O  N N 4   
CBR "O5'"  O  N N 5   
CBR N1     N  N N 6   
CBR C6     C  N N 7   
CBR C2     C  N N 8   
CBR O2     O  N N 9   
CBR N3     N  N N 10  
CBR C4     C  N N 11  
CBR N4     N  N N 12  
CBR C5     C  N N 13  
CBR "C2'"  C  N N 14  
CBR "C5'"  C  N N 15  
CBR "C4'"  C  N R 16  
CBR "O4'"  O  N N 17  
CBR "C1'"  C  N R 18  
CBR "C3'"  C  N S 19  
CBR "O3'"  O  N N 20  
CBR OP3    O  N N 21  
CBR HOP2   H  N N 22  
CBR H6     H  N N 23  
CBR H41    H  N N 24  
CBR H42    H  N N 25  
CBR "H2'"  H  N N 26  
CBR "H2''" H  N N 27  
CBR "H5'"  H  N N 28  
CBR "H5''" H  N N 29  
CBR "H4'"  H  N N 30  
CBR "H1'"  H  N N 31  
CBR "H3'"  H  N N 32  
CBR "HO3'" H  N N 33  
CBR HOP3   H  N N 34  
CL  CL     CL N N 35  
DA  OP3    O  N N 36  
DA  P      P  N N 37  
DA  OP1    O  N N 38  
DA  OP2    O  N N 39  
DA  "O5'"  O  N N 40  
DA  "C5'"  C  N N 41  
DA  "C4'"  C  N R 42  
DA  "O4'"  O  N N 43  
DA  "C3'"  C  N S 44  
DA  "O3'"  O  N N 45  
DA  "C2'"  C  N N 46  
DA  "C1'"  C  N R 47  
DA  N9     N  Y N 48  
DA  C8     C  Y N 49  
DA  N7     N  Y N 50  
DA  C5     C  Y N 51  
DA  C6     C  Y N 52  
DA  N6     N  N N 53  
DA  N1     N  Y N 54  
DA  C2     C  Y N 55  
DA  N3     N  Y N 56  
DA  C4     C  Y N 57  
DA  HOP3   H  N N 58  
DA  HOP2   H  N N 59  
DA  "H5'"  H  N N 60  
DA  "H5''" H  N N 61  
DA  "H4'"  H  N N 62  
DA  "H3'"  H  N N 63  
DA  "HO3'" H  N N 64  
DA  "H2'"  H  N N 65  
DA  "H2''" H  N N 66  
DA  "H1'"  H  N N 67  
DA  H8     H  N N 68  
DA  H61    H  N N 69  
DA  H62    H  N N 70  
DA  H2     H  N N 71  
DC  OP3    O  N N 72  
DC  P      P  N N 73  
DC  OP1    O  N N 74  
DC  OP2    O  N N 75  
DC  "O5'"  O  N N 76  
DC  "C5'"  C  N N 77  
DC  "C4'"  C  N R 78  
DC  "O4'"  O  N N 79  
DC  "C3'"  C  N S 80  
DC  "O3'"  O  N N 81  
DC  "C2'"  C  N N 82  
DC  "C1'"  C  N R 83  
DC  N1     N  N N 84  
DC  C2     C  N N 85  
DC  O2     O  N N 86  
DC  N3     N  N N 87  
DC  C4     C  N N 88  
DC  N4     N  N N 89  
DC  C5     C  N N 90  
DC  C6     C  N N 91  
DC  HOP3   H  N N 92  
DC  HOP2   H  N N 93  
DC  "H5'"  H  N N 94  
DC  "H5''" H  N N 95  
DC  "H4'"  H  N N 96  
DC  "H3'"  H  N N 97  
DC  "HO3'" H  N N 98  
DC  "H2'"  H  N N 99  
DC  "H2''" H  N N 100 
DC  "H1'"  H  N N 101 
DC  H41    H  N N 102 
DC  H42    H  N N 103 
DC  H5     H  N N 104 
DC  H6     H  N N 105 
DG  OP3    O  N N 106 
DG  P      P  N N 107 
DG  OP1    O  N N 108 
DG  OP2    O  N N 109 
DG  "O5'"  O  N N 110 
DG  "C5'"  C  N N 111 
DG  "C4'"  C  N R 112 
DG  "O4'"  O  N N 113 
DG  "C3'"  C  N S 114 
DG  "O3'"  O  N N 115 
DG  "C2'"  C  N N 116 
DG  "C1'"  C  N R 117 
DG  N9     N  Y N 118 
DG  C8     C  Y N 119 
DG  N7     N  Y N 120 
DG  C5     C  Y N 121 
DG  C6     C  N N 122 
DG  O6     O  N N 123 
DG  N1     N  N N 124 
DG  C2     C  N N 125 
DG  N2     N  N N 126 
DG  N3     N  N N 127 
DG  C4     C  Y N 128 
DG  HOP3   H  N N 129 
DG  HOP2   H  N N 130 
DG  "H5'"  H  N N 131 
DG  "H5''" H  N N 132 
DG  "H4'"  H  N N 133 
DG  "H3'"  H  N N 134 
DG  "HO3'" H  N N 135 
DG  "H2'"  H  N N 136 
DG  "H2''" H  N N 137 
DG  "H1'"  H  N N 138 
DG  H8     H  N N 139 
DG  H1     H  N N 140 
DG  H21    H  N N 141 
DG  H22    H  N N 142 
DT  OP3    O  N N 143 
DT  P      P  N N 144 
DT  OP1    O  N N 145 
DT  OP2    O  N N 146 
DT  "O5'"  O  N N 147 
DT  "C5'"  C  N N 148 
DT  "C4'"  C  N R 149 
DT  "O4'"  O  N N 150 
DT  "C3'"  C  N S 151 
DT  "O3'"  O  N N 152 
DT  "C2'"  C  N N 153 
DT  "C1'"  C  N R 154 
DT  N1     N  N N 155 
DT  C2     C  N N 156 
DT  O2     O  N N 157 
DT  N3     N  N N 158 
DT  C4     C  N N 159 
DT  O4     O  N N 160 
DT  C5     C  N N 161 
DT  C7     C  N N 162 
DT  C6     C  N N 163 
DT  HOP3   H  N N 164 
DT  HOP2   H  N N 165 
DT  "H5'"  H  N N 166 
DT  "H5''" H  N N 167 
DT  "H4'"  H  N N 168 
DT  "H3'"  H  N N 169 
DT  "HO3'" H  N N 170 
DT  "H2'"  H  N N 171 
DT  "H2''" H  N N 172 
DT  "H1'"  H  N N 173 
DT  H3     H  N N 174 
DT  H71    H  N N 175 
DT  H72    H  N N 176 
DT  H73    H  N N 177 
DT  H6     H  N N 178 
HOH O      O  N N 179 
HOH H1     H  N N 180 
HOH H2     H  N N 181 
NA  NA     NA N N 182 
NCO CO     CO N N 183 
NCO N1     N  N N 184 
NCO N2     N  N N 185 
NCO N3     N  N N 186 
NCO N4     N  N N 187 
NCO N5     N  N N 188 
NCO N6     N  N N 189 
NCO HN11   H  N N 190 
NCO HN12   H  N N 191 
NCO HN13   H  N N 192 
NCO HN21   H  N N 193 
NCO HN22   H  N N 194 
NCO HN23   H  N N 195 
NCO HN31   H  N N 196 
NCO HN32   H  N N 197 
NCO HN33   H  N N 198 
NCO HN41   H  N N 199 
NCO HN42   H  N N 200 
NCO HN43   H  N N 201 
NCO HN51   H  N N 202 
NCO HN52   H  N N 203 
NCO HN53   H  N N 204 
NCO HN61   H  N N 205 
NCO HN62   H  N N 206 
NCO HN63   H  N N 207 
# 
loop_
_chem_comp_bond.comp_id 
_chem_comp_bond.atom_id_1 
_chem_comp_bond.atom_id_2 
_chem_comp_bond.value_order 
_chem_comp_bond.pdbx_aromatic_flag 
_chem_comp_bond.pdbx_stereo_config 
_chem_comp_bond.pdbx_ordinal 
CBR BR    C5     sing N N 1   
CBR P     OP1    doub N N 2   
CBR P     OP2    sing N N 3   
CBR P     "O5'"  sing N N 4   
CBR P     OP3    sing N N 5   
CBR OP2   HOP2   sing N N 6   
CBR "O5'" "C5'"  sing N N 7   
CBR N1    C6     sing N N 8   
CBR N1    C2     sing N N 9   
CBR N1    "C1'"  sing N N 10  
CBR C6    C5     doub N N 11  
CBR C6    H6     sing N N 12  
CBR C2    O2     doub N N 13  
CBR C2    N3     sing N N 14  
CBR N3    C4     doub N N 15  
CBR C4    N4     sing N N 16  
CBR C4    C5     sing N N 17  
CBR N4    H41    sing N N 18  
CBR N4    H42    sing N N 19  
CBR "C2'" "C1'"  sing N N 20  
CBR "C2'" "C3'"  sing N N 21  
CBR "C2'" "H2'"  sing N N 22  
CBR "C2'" "H2''" sing N N 23  
CBR "C5'" "C4'"  sing N N 24  
CBR "C5'" "H5'"  sing N N 25  
CBR "C5'" "H5''" sing N N 26  
CBR "C4'" "O4'"  sing N N 27  
CBR "C4'" "C3'"  sing N N 28  
CBR "C4'" "H4'"  sing N N 29  
CBR "O4'" "C1'"  sing N N 30  
CBR "C1'" "H1'"  sing N N 31  
CBR "C3'" "O3'"  sing N N 32  
CBR "C3'" "H3'"  sing N N 33  
CBR "O3'" "HO3'" sing N N 34  
CBR OP3   HOP3   sing N N 35  
DA  OP3   P      sing N N 36  
DA  OP3   HOP3   sing N N 37  
DA  P     OP1    doub N N 38  
DA  P     OP2    sing N N 39  
DA  P     "O5'"  sing N N 40  
DA  OP2   HOP2   sing N N 41  
DA  "O5'" "C5'"  sing N N 42  
DA  "C5'" "C4'"  sing N N 43  
DA  "C5'" "H5'"  sing N N 44  
DA  "C5'" "H5''" sing N N 45  
DA  "C4'" "O4'"  sing N N 46  
DA  "C4'" "C3'"  sing N N 47  
DA  "C4'" "H4'"  sing N N 48  
DA  "O4'" "C1'"  sing N N 49  
DA  "C3'" "O3'"  sing N N 50  
DA  "C3'" "C2'"  sing N N 51  
DA  "C3'" "H3'"  sing N N 52  
DA  "O3'" "HO3'" sing N N 53  
DA  "C2'" "C1'"  sing N N 54  
DA  "C2'" "H2'"  sing N N 55  
DA  "C2'" "H2''" sing N N 56  
DA  "C1'" N9     sing N N 57  
DA  "C1'" "H1'"  sing N N 58  
DA  N9    C8     sing Y N 59  
DA  N9    C4     sing Y N 60  
DA  C8    N7     doub Y N 61  
DA  C8    H8     sing N N 62  
DA  N7    C5     sing Y N 63  
DA  C5    C6     sing Y N 64  
DA  C5    C4     doub Y N 65  
DA  C6    N6     sing N N 66  
DA  C6    N1     doub Y N 67  
DA  N6    H61    sing N N 68  
DA  N6    H62    sing N N 69  
DA  N1    C2     sing Y N 70  
DA  C2    N3     doub Y N 71  
DA  C2    H2     sing N N 72  
DA  N3    C4     sing Y N 73  
DC  OP3   P      sing N N 74  
DC  OP3   HOP3   sing N N 75  
DC  P     OP1    doub N N 76  
DC  P     OP2    sing N N 77  
DC  P     "O5'"  sing N N 78  
DC  OP2   HOP2   sing N N 79  
DC  "O5'" "C5'"  sing N N 80  
DC  "C5'" "C4'"  sing N N 81  
DC  "C5'" "H5'"  sing N N 82  
DC  "C5'" "H5''" sing N N 83  
DC  "C4'" "O4'"  sing N N 84  
DC  "C4'" "C3'"  sing N N 85  
DC  "C4'" "H4'"  sing N N 86  
DC  "O4'" "C1'"  sing N N 87  
DC  "C3'" "O3'"  sing N N 88  
DC  "C3'" "C2'"  sing N N 89  
DC  "C3'" "H3'"  sing N N 90  
DC  "O3'" "HO3'" sing N N 91  
DC  "C2'" "C1'"  sing N N 92  
DC  "C2'" "H2'"  sing N N 93  
DC  "C2'" "H2''" sing N N 94  
DC  "C1'" N1     sing N N 95  
DC  "C1'" "H1'"  sing N N 96  
DC  N1    C2     sing N N 97  
DC  N1    C6     sing N N 98  
DC  C2    O2     doub N N 99  
DC  C2    N3     sing N N 100 
DC  N3    C4     doub N N 101 
DC  C4    N4     sing N N 102 
DC  C4    C5     sing N N 103 
DC  N4    H41    sing N N 104 
DC  N4    H42    sing N N 105 
DC  C5    C6     doub N N 106 
DC  C5    H5     sing N N 107 
DC  C6    H6     sing N N 108 
DG  OP3   P      sing N N 109 
DG  OP3   HOP3   sing N N 110 
DG  P     OP1    doub N N 111 
DG  P     OP2    sing N N 112 
DG  P     "O5'"  sing N N 113 
DG  OP2   HOP2   sing N N 114 
DG  "O5'" "C5'"  sing N N 115 
DG  "C5'" "C4'"  sing N N 116 
DG  "C5'" "H5'"  sing N N 117 
DG  "C5'" "H5''" sing N N 118 
DG  "C4'" "O4'"  sing N N 119 
DG  "C4'" "C3'"  sing N N 120 
DG  "C4'" "H4'"  sing N N 121 
DG  "O4'" "C1'"  sing N N 122 
DG  "C3'" "O3'"  sing N N 123 
DG  "C3'" "C2'"  sing N N 124 
DG  "C3'" "H3'"  sing N N 125 
DG  "O3'" "HO3'" sing N N 126 
DG  "C2'" "C1'"  sing N N 127 
DG  "C2'" "H2'"  sing N N 128 
DG  "C2'" "H2''" sing N N 129 
DG  "C1'" N9     sing N N 130 
DG  "C1'" "H1'"  sing N N 131 
DG  N9    C8     sing Y N 132 
DG  N9    C4     sing Y N 133 
DG  C8    N7     doub Y N 134 
DG  C8    H8     sing N N 135 
DG  N7    C5     sing Y N 136 
DG  C5    C6     sing N N 137 
DG  C5    C4     doub Y N 138 
DG  C6    O6     doub N N 139 
DG  C6    N1     sing N N 140 
DG  N1    C2     sing N N 141 
DG  N1    H1     sing N N 142 
DG  C2    N2     sing N N 143 
DG  C2    N3     doub N N 144 
DG  N2    H21    sing N N 145 
DG  N2    H22    sing N N 146 
DG  N3    C4     sing N N 147 
DT  OP3   P      sing N N 148 
DT  OP3   HOP3   sing N N 149 
DT  P     OP1    doub N N 150 
DT  P     OP2    sing N N 151 
DT  P     "O5'"  sing N N 152 
DT  OP2   HOP2   sing N N 153 
DT  "O5'" "C5'"  sing N N 154 
DT  "C5'" "C4'"  sing N N 155 
DT  "C5'" "H5'"  sing N N 156 
DT  "C5'" "H5''" sing N N 157 
DT  "C4'" "O4'"  sing N N 158 
DT  "C4'" "C3'"  sing N N 159 
DT  "C4'" "H4'"  sing N N 160 
DT  "O4'" "C1'"  sing N N 161 
DT  "C3'" "O3'"  sing N N 162 
DT  "C3'" "C2'"  sing N N 163 
DT  "C3'" "H3'"  sing N N 164 
DT  "O3'" "HO3'" sing N N 165 
DT  "C2'" "C1'"  sing N N 166 
DT  "C2'" "H2'"  sing N N 167 
DT  "C2'" "H2''" sing N N 168 
DT  "C1'" N1     sing N N 169 
DT  "C1'" "H1'"  sing N N 170 
DT  N1    C2     sing N N 171 
DT  N1    C6     sing N N 172 
DT  C2    O2     doub N N 173 
DT  C2    N3     sing N N 174 
DT  N3    C4     sing N N 175 
DT  N3    H3     sing N N 176 
DT  C4    O4     doub N N 177 
DT  C4    C5     sing N N 178 
DT  C5    C7     sing N N 179 
DT  C5    C6     doub N N 180 
DT  C7    H71    sing N N 181 
DT  C7    H72    sing N N 182 
DT  C7    H73    sing N N 183 
DT  C6    H6     sing N N 184 
HOH O     H1     sing N N 185 
HOH O     H2     sing N N 186 
NCO CO    N1     sing N N 187 
NCO CO    N2     sing N N 188 
NCO CO    N3     sing N N 189 
NCO CO    N4     sing N N 190 
NCO CO    N5     sing N N 191 
NCO CO    N6     sing N N 192 
NCO N1    HN11   sing N N 193 
NCO N1    HN12   sing N N 194 
NCO N1    HN13   sing N N 195 
NCO N2    HN21   sing N N 196 
NCO N2    HN22   sing N N 197 
NCO N2    HN23   sing N N 198 
NCO N3    HN31   sing N N 199 
NCO N3    HN32   sing N N 200 
NCO N3    HN33   sing N N 201 
NCO N4    HN41   sing N N 202 
NCO N4    HN42   sing N N 203 
NCO N4    HN43   sing N N 204 
NCO N5    HN51   sing N N 205 
NCO N5    HN52   sing N N 206 
NCO N5    HN53   sing N N 207 
NCO N6    HN61   sing N N 208 
NCO N6    HN62   sing N N 209 
NCO N6    HN63   sing N N 210 
# 
loop_
_ndb_struct_conf_na.entry_id 
_ndb_struct_conf_na.feature 
1UHY 'b-form double helix'  
1UHY 'mismatched base pair' 
1UHY 'internal loop'        
# 
loop_
_ndb_struct_na_base_pair.model_number 
_ndb_struct_na_base_pair.i_label_asym_id 
_ndb_struct_na_base_pair.i_label_comp_id 
_ndb_struct_na_base_pair.i_label_seq_id 
_ndb_struct_na_base_pair.i_symmetry 
_ndb_struct_na_base_pair.j_label_asym_id 
_ndb_struct_na_base_pair.j_label_comp_id 
_ndb_struct_na_base_pair.j_label_seq_id 
_ndb_struct_na_base_pair.j_symmetry 
_ndb_struct_na_base_pair.shear 
_ndb_struct_na_base_pair.stretch 
_ndb_struct_na_base_pair.stagger 
_ndb_struct_na_base_pair.buckle 
_ndb_struct_na_base_pair.propeller 
_ndb_struct_na_base_pair.opening 
_ndb_struct_na_base_pair.pair_number 
_ndb_struct_na_base_pair.pair_name 
_ndb_struct_na_base_pair.i_auth_asym_id 
_ndb_struct_na_base_pair.i_auth_seq_id 
_ndb_struct_na_base_pair.i_PDB_ins_code 
_ndb_struct_na_base_pair.j_auth_asym_id 
_ndb_struct_na_base_pair.j_auth_seq_id 
_ndb_struct_na_base_pair.j_PDB_ins_code 
_ndb_struct_na_base_pair.hbond_type_28 
_ndb_struct_na_base_pair.hbond_type_12 
1 A DG  1 1_555 A DC 8 8_665 -0.253 -0.182 -0.139 -5.223 6.931  -1.162 1 A_DG1:DC8_A  A 1 ? A 8 ? 19 1 
1 A CBR 2 1_555 A DG 7 8_665 0.278  -0.114 -0.185 13.979 9.434  0.571  2 A_CBR2:DG7_A A 2 ? A 7 ? 19 1 
1 A DG  3 1_555 A DA 6 8_665 6.513  -4.434 1.055  30.512 -8.876 9.765  3 A_DG3:DA6_A  A 3 ? A 6 ? 11 9 
1 A DG  1 1_555 A DC 8 1_555 -0.253 -0.182 -0.139 -5.223 6.931  -1.162 4 A_DG1:DC8_A  A 1 ? A 8 ? 19 1 
1 A CBR 2 1_555 A DG 7 1_555 0.278  -0.114 -0.185 13.979 9.434  0.571  5 A_CBR2:DG7_A A 2 ? A 7 ? 19 1 
1 A DG  3 1_555 A DA 6 1_555 6.513  -4.434 1.055  30.512 -8.876 9.765  6 A_DG3:DA6_A  A 3 ? A 6 ? 11 9 
# 
loop_
_ndb_struct_na_base_pair_step.model_number 
_ndb_struct_na_base_pair_step.i_label_asym_id_1 
_ndb_struct_na_base_pair_step.i_label_comp_id_1 
_ndb_struct_na_base_pair_step.i_label_seq_id_1 
_ndb_struct_na_base_pair_step.i_symmetry_1 
_ndb_struct_na_base_pair_step.j_label_asym_id_1 
_ndb_struct_na_base_pair_step.j_label_comp_id_1 
_ndb_struct_na_base_pair_step.j_label_seq_id_1 
_ndb_struct_na_base_pair_step.j_symmetry_1 
_ndb_struct_na_base_pair_step.i_label_asym_id_2 
_ndb_struct_na_base_pair_step.i_label_comp_id_2 
_ndb_struct_na_base_pair_step.i_label_seq_id_2 
_ndb_struct_na_base_pair_step.i_symmetry_2 
_ndb_struct_na_base_pair_step.j_label_asym_id_2 
_ndb_struct_na_base_pair_step.j_label_comp_id_2 
_ndb_struct_na_base_pair_step.j_label_seq_id_2 
_ndb_struct_na_base_pair_step.j_symmetry_2 
_ndb_struct_na_base_pair_step.shift 
_ndb_struct_na_base_pair_step.slide 
_ndb_struct_na_base_pair_step.rise 
_ndb_struct_na_base_pair_step.tilt 
_ndb_struct_na_base_pair_step.roll 
_ndb_struct_na_base_pair_step.twist 
_ndb_struct_na_base_pair_step.x_displacement 
_ndb_struct_na_base_pair_step.y_displacement 
_ndb_struct_na_base_pair_step.helical_rise 
_ndb_struct_na_base_pair_step.inclination 
_ndb_struct_na_base_pair_step.tip 
_ndb_struct_na_base_pair_step.helical_twist 
_ndb_struct_na_base_pair_step.step_number 
_ndb_struct_na_base_pair_step.step_name 
_ndb_struct_na_base_pair_step.i_auth_asym_id_1 
_ndb_struct_na_base_pair_step.i_auth_seq_id_1 
_ndb_struct_na_base_pair_step.i_PDB_ins_code_1 
_ndb_struct_na_base_pair_step.j_auth_asym_id_1 
_ndb_struct_na_base_pair_step.j_auth_seq_id_1 
_ndb_struct_na_base_pair_step.j_PDB_ins_code_1 
_ndb_struct_na_base_pair_step.i_auth_asym_id_2 
_ndb_struct_na_base_pair_step.i_auth_seq_id_2 
_ndb_struct_na_base_pair_step.i_PDB_ins_code_2 
_ndb_struct_na_base_pair_step.j_auth_asym_id_2 
_ndb_struct_na_base_pair_step.j_auth_seq_id_2 
_ndb_struct_na_base_pair_step.j_PDB_ins_code_2 
1 A DG  1 1_555 A DC 8 8_665 A CBR 2 1_555 A DG 7 8_665 0.310 -0.168 2.974 -0.562 0.372 25.723 -0.472 -0.839 2.964 0.836 1.261  
25.732 1 AA_DG1CBR2:DG7DC8_AA A 1 ? A 8 ? A 2 ? A 7 ? 
1 A CBR 2 1_555 A DG 7 8_665 A DG  3 1_555 A DA 6 8_665 0.553 1.532  3.066 0.624  5.244 52.522 1.398  -0.584 3.200 5.909 -0.703 
52.768 2 AA_CBR2DG3:DA6DG7_AA A 2 ? A 7 ? A 3 ? A 6 ? 
1 A DG  1 1_555 A DC 8 1_555 A CBR 2 1_555 A DG 7 1_555 0.310 -0.168 2.974 -0.562 0.372 25.723 -0.472 -0.839 2.964 0.836 1.261  
25.732 3 AA_DG1CBR2:DG7DC8_AA A 1 ? A 8 ? A 2 ? A 7 ? 
1 A CBR 2 1_555 A DG 7 1_555 A DG  3 1_555 A DA 6 1_555 0.553 1.532  3.066 0.624  5.244 52.522 1.398  -0.584 3.200 5.909 -0.703 
52.768 4 AA_CBR2DG3:DA6DG7_AA A 2 ? A 7 ? A 3 ? A 6 ? 
# 
_atom_sites.entry_id                    1UHY 
_atom_sites.fract_transf_matrix[1][1]   -0.02333966 
_atom_sites.fract_transf_matrix[1][2]   -0.00259786 
_atom_sites.fract_transf_matrix[1][3]   0.02055370 
_atom_sites.fract_transf_matrix[2][1]   -0.01545013 
_atom_sites.fract_transf_matrix[2][2]   -0.02697653 
_atom_sites.fract_transf_matrix[2][3]   0.00273856 
_atom_sites.fract_transf_matrix[3][1]   0.00993785 
_atom_sites.fract_transf_matrix[3][2]   -0.00460514 
_atom_sites.fract_transf_matrix[3][3]   0.01070282 
_atom_sites.fract_transf_vector[1]      0.563555 
_atom_sites.fract_transf_vector[2]      0.519739 
_atom_sites.fract_transf_vector[3]      0.268509 
# 
loop_
_atom_type.symbol 
BR 
C  
CL 
CO 
N  
NA 
O  
P  
# 
loop_
_atom_site.group_PDB 
_atom_site.id 
_atom_site.type_symbol 
_atom_site.label_atom_id 
_atom_site.label_alt_id 
_atom_site.label_comp_id 
_atom_site.label_asym_id 
_atom_site.label_entity_id 
_atom_site.label_seq_id 
_atom_site.pdbx_PDB_ins_code 
_atom_site.Cartn_x 
_atom_site.Cartn_y 
_atom_site.Cartn_z 
_atom_site.occupancy 
_atom_site.B_iso_or_equiv 
_atom_site.pdbx_formal_charge 
_atom_site.auth_seq_id 
_atom_site.auth_comp_id 
_atom_site.auth_asym_id 
_atom_site.auth_atom_id 
_atom_site.pdbx_PDB_model_num 
ATOM   1   O  "O5'" . DG  A 1 1 ? -15.939 9.819   -10.544 1.00 25.01 ? 1   DG  A "O5'" 1 
ATOM   2   C  "C5'" . DG  A 1 1 ? -15.199 10.167  -9.363  1.00 25.37 ? 1   DG  A "C5'" 1 
ATOM   3   C  "C4'" . DG  A 1 1 ? -15.643 9.317   -8.197  1.00 25.11 ? 1   DG  A "C4'" 1 
ATOM   4   O  "O4'" . DG  A 1 1 ? -15.376 7.923   -8.473  1.00 15.76 ? 1   DG  A "O4'" 1 
ATOM   5   C  "C3'" . DG  A 1 1 ? -14.946 9.608   -6.872  1.00 24.56 ? 1   DG  A "C3'" 1 
ATOM   6   O  "O3'" . DG  A 1 1 ? -15.856 9.348   -5.802  1.00 29.85 ? 1   DG  A "O3'" 1 
ATOM   7   C  "C2'" . DG  A 1 1 ? -13.783 8.627   -6.862  1.00 17.01 ? 1   DG  A "C2'" 1 
ATOM   8   C  "C1'" . DG  A 1 1 ? -14.269 7.459   -7.723  1.00 16.03 ? 1   DG  A "C1'" 1 
ATOM   9   N  N9    . DG  A 1 1 ? -13.280 6.956   -8.669  1.00 17.10 ? 1   DG  A N9    1 
ATOM   10  C  C8    . DG  A 1 1 ? -12.378 7.685   -9.400  1.00 12.92 ? 1   DG  A C8    1 
ATOM   11  N  N7    . DG  A 1 1 ? -11.624 6.946   -10.168 1.00 14.32 ? 1   DG  A N7    1 
ATOM   12  C  C5    . DG  A 1 1 ? -12.059 5.651   -9.931  1.00 15.30 ? 1   DG  A C5    1 
ATOM   13  C  C6    . DG  A 1 1 ? -11.626 4.422   -10.486 1.00 12.42 ? 1   DG  A C6    1 
ATOM   14  O  O6    . DG  A 1 1 ? -10.736 4.229   -11.319 1.00 14.09 ? 1   DG  A O6    1 
ATOM   15  N  N1    . DG  A 1 1 ? -12.347 3.349   -9.975  1.00 13.76 ? 1   DG  A N1    1 
ATOM   16  C  C2    . DG  A 1 1 ? -13.356 3.445   -9.054  1.00 14.60 ? 1   DG  A C2    1 
ATOM   17  N  N2    . DG  A 1 1 ? -13.943 2.300   -8.703  1.00 18.13 ? 1   DG  A N2    1 
ATOM   18  N  N3    . DG  A 1 1 ? -13.765 4.585   -8.526  1.00 17.42 ? 1   DG  A N3    1 
ATOM   19  C  C4    . DG  A 1 1 ? -13.078 5.638   -9.008  1.00 15.45 ? 1   DG  A C4    1 
HETATM 20  BR BR    . CBR A 1 2 ? -9.657  8.186   -7.150  1.00 22.07 ? 2   CBR A BR    1 
HETATM 21  P  P     . CBR A 1 2 ? -15.373 9.516   -4.281  1.00 34.68 ? 2   CBR A P     1 
HETATM 22  O  OP1   . CBR A 1 2 ? -16.594 9.746   -3.470  1.00 28.95 ? 2   CBR A OP1   1 
HETATM 23  O  OP2   . CBR A 1 2 ? -14.246 10.481  -4.208  1.00 32.14 ? 2   CBR A OP2   1 
HETATM 24  O  "O5'" . CBR A 1 2 ? -14.808 8.072   -3.918  1.00 27.56 ? 2   CBR A "O5'" 1 
HETATM 25  N  N1    . CBR A 1 2 ? -11.782 5.078   -5.398  1.00 14.73 ? 2   CBR A N1    1 
HETATM 26  C  C6    . CBR A 1 2 ? -11.238 6.300   -5.680  1.00 11.82 ? 2   CBR A C6    1 
HETATM 27  C  C2    . CBR A 1 2 ? -11.405 3.952   -6.137  1.00 10.22 ? 2   CBR A C2    1 
HETATM 28  O  O2    . CBR A 1 2 ? -11.936 2.869   -5.872  1.00 17.00 ? 2   CBR A O2    1 
HETATM 29  N  N3    . CBR A 1 2 ? -10.482 4.075   -7.119  1.00 13.03 ? 2   CBR A N3    1 
HETATM 30  C  C4    . CBR A 1 2 ? -9.939  5.268   -7.375  1.00 12.29 ? 2   CBR A C4    1 
HETATM 31  N  N4    . CBR A 1 2 ? -8.999  5.332   -8.323  1.00 12.71 ? 2   CBR A N4    1 
HETATM 32  C  C5    . CBR A 1 2 ? -10.329 6.439   -6.657  1.00 8.46  ? 2   CBR A C5    1 
HETATM 33  C  "C2'" . CBR A 1 2 ? -12.525 5.649   -3.029  1.00 21.79 ? 2   CBR A "C2'" 1 
HETATM 34  C  "C5'" . CBR A 1 2 ? -15.665 6.933   -3.931  1.00 20.56 ? 2   CBR A "C5'" 1 
HETATM 35  C  "C4'" . CBR A 1 2 ? -14.857 5.686   -3.665  1.00 23.22 ? 2   CBR A "C4'" 1 
HETATM 36  O  "O4'" . CBR A 1 2 ? -14.009 5.409   -4.802  1.00 19.94 ? 2   CBR A "O4'" 1 
HETATM 37  C  "C1'" . CBR A 1 2 ? -12.780 4.904   -4.328  1.00 17.46 ? 2   CBR A "C1'" 1 
HETATM 38  C  "C3'" . CBR A 1 2 ? -13.928 5.801   -2.451  1.00 24.00 ? 2   CBR A "C3'" 1 
HETATM 39  O  "O3'" . CBR A 1 2 ? -14.248 4.773   -1.511  1.00 29.25 ? 2   CBR A "O3'" 1 
ATOM   40  P  P     . DG  A 1 3 ? -13.507 4.728   -0.088  1.00 33.55 ? 3   DG  A P     1 
ATOM   41  O  OP1   . DG  A 1 3 ? -14.424 4.048   0.861   1.00 39.02 ? 3   DG  A OP1   1 
ATOM   42  O  OP2   . DG  A 1 3 ? -12.975 6.078   0.239   1.00 33.60 ? 3   DG  A OP2   1 
ATOM   43  O  "O5'" . DG  A 1 3 ? -12.267 3.765   -0.350  1.00 29.89 ? 3   DG  A "O5'" 1 
ATOM   44  C  "C5'" . DG  A 1 3 ? -12.421 2.590   -1.142  1.00 27.09 ? 3   DG  A "C5'" 1 
ATOM   45  C  "C4'" . DG  A 1 3 ? -11.077 2.117   -1.639  1.00 23.91 ? 3   DG  A "C4'" 1 
ATOM   46  O  "O4'" . DG  A 1 3 ? -10.499 3.069   -2.571  1.00 18.42 ? 3   DG  A "O4'" 1 
ATOM   47  C  "C3'" . DG  A 1 3 ? -10.015 1.895   -0.561  1.00 26.49 ? 3   DG  A "C3'" 1 
ATOM   48  O  "O3'" . DG  A 1 3 ? -9.231  0.776   -0.970  1.00 32.97 ? 3   DG  A "O3'" 1 
ATOM   49  C  "C2'" . DG  A 1 3 ? -9.168  3.150   -0.670  1.00 27.53 ? 3   DG  A "C2'" 1 
ATOM   50  C  "C1'" . DG  A 1 3 ? -9.169  3.337   -2.174  1.00 13.76 ? 3   DG  A "C1'" 1 
ATOM   51  N  N9    . DG  A 1 3 ? -8.786  4.664   -2.656  1.00 14.26 ? 3   DG  A N9    1 
ATOM   52  C  C8    . DG  A 1 3 ? -9.024  5.880   -2.058  1.00 18.78 ? 3   DG  A C8    1 
ATOM   53  N  N7    . DG  A 1 3 ? -8.491  6.882   -2.705  1.00 16.79 ? 3   DG  A N7    1 
ATOM   54  C  C5    . DG  A 1 3 ? -7.876  6.293   -3.803  1.00 15.07 ? 3   DG  A C5    1 
ATOM   55  C  C6    . DG  A 1 3 ? -7.111  6.870   -4.841  1.00 11.39 ? 3   DG  A C6    1 
ATOM   56  O  O6    . DG  A 1 3 ? -6.798  8.057   -4.994  1.00 18.31 ? 3   DG  A O6    1 
ATOM   57  N  N1    . DG  A 1 3 ? -6.675  5.908   -5.760  1.00 9.87  ? 3   DG  A N1    1 
ATOM   58  C  C2    . DG  A 1 3 ? -6.936  4.564   -5.672  1.00 12.05 ? 3   DG  A C2    1 
ATOM   59  N  N2    . DG  A 1 3 ? -6.425  3.786   -6.653  1.00 14.34 ? 3   DG  A N2    1 
ATOM   60  N  N3    . DG  A 1 3 ? -7.639  4.014   -4.697  1.00 16.70 ? 3   DG  A N3    1 
ATOM   61  C  C4    . DG  A 1 3 ? -8.071  4.931   -3.801  1.00 15.22 ? 3   DG  A C4    1 
ATOM   62  P  P     . DA  A 1 4 ? -8.480  -0.127  0.120   1.00 28.85 ? 4   DA  A P     1 
ATOM   63  O  OP1   . DA  A 1 4 ? -9.340  -1.311  0.361   1.00 32.03 ? 4   DA  A OP1   1 
ATOM   64  O  OP2   . DA  A 1 4 ? -8.060  0.725   1.263   1.00 26.03 ? 4   DA  A OP2   1 
ATOM   65  O  "O5'" . DA  A 1 4 ? -7.172  -0.593  -0.663  1.00 25.13 ? 4   DA  A "O5'" 1 
ATOM   66  C  "C5'" . DA  A 1 4 ? -7.273  -1.203  -1.953  1.00 26.09 ? 4   DA  A "C5'" 1 
ATOM   67  C  "C4'" . DA  A 1 4 ? -6.162  -0.713  -2.855  1.00 23.78 ? 4   DA  A "C4'" 1 
ATOM   68  O  "O4'" . DA  A 1 4 ? -6.385  0.655   -3.251  1.00 24.16 ? 4   DA  A "O4'" 1 
ATOM   69  C  "C3'" . DA  A 1 4 ? -4.784  -0.723  -2.216  1.00 28.24 ? 4   DA  A "C3'" 1 
ATOM   70  O  "O3'" . DA  A 1 4 ? -4.184  -2.003  -2.402  1.00 31.15 ? 4   DA  A "O3'" 1 
ATOM   71  C  "C2'" . DA  A 1 4 ? -4.040  0.355   -2.985  1.00 26.31 ? 4   DA  A "C2'" 1 
ATOM   72  C  "C1'" . DA  A 1 4 ? -5.142  1.315   -3.435  1.00 21.47 ? 4   DA  A "C1'" 1 
ATOM   73  N  N9    . DA  A 1 4 ? -5.201  2.573   -2.697  1.00 19.46 ? 4   DA  A N9    1 
ATOM   74  C  C8    . DA  A 1 4 ? -5.771  2.798   -1.469  1.00 16.81 ? 4   DA  A C8    1 
ATOM   75  N  N7    . DA  A 1 4 ? -5.706  4.050   -1.080  1.00 24.71 ? 4   DA  A N7    1 
ATOM   76  C  C5    . DA  A 1 4 ? -5.036  4.688   -2.114  1.00 21.09 ? 4   DA  A C5    1 
ATOM   77  C  C6    . DA  A 1 4 ? -4.646  6.027   -2.306  1.00 25.25 ? 4   DA  A C6    1 
ATOM   78  N  N6    . DA  A 1 4 ? -4.906  7.005   -1.434  1.00 26.84 ? 4   DA  A N6    1 
ATOM   79  N  N1    . DA  A 1 4 ? -3.977  6.330   -3.439  1.00 20.04 ? 4   DA  A N1    1 
ATOM   80  C  C2    . DA  A 1 4 ? -3.726  5.350   -4.316  1.00 25.48 ? 4   DA  A C2    1 
ATOM   81  N  N3    . DA  A 1 4 ? -4.049  4.056   -4.254  1.00 17.19 ? 4   DA  A N3    1 
ATOM   82  C  C4    . DA  A 1 4 ? -4.709  3.789   -3.112  1.00 17.95 ? 4   DA  A C4    1 
ATOM   83  P  P     . DT  A 1 5 ? -3.343  -2.656  -1.206  1.00 33.77 ? 5   DT  A P     1 
ATOM   84  O  OP1   . DT  A 1 5 ? -3.006  -4.056  -1.569  1.00 34.94 ? 5   DT  A OP1   1 
ATOM   85  O  OP2   . DT  A 1 5 ? -4.064  -2.384  0.060   1.00 30.33 ? 5   DT  A OP2   1 
ATOM   86  O  "O5'" . DT  A 1 5 ? -2.005  -1.801  -1.220  1.00 31.20 ? 5   DT  A "O5'" 1 
ATOM   87  C  "C5'" . DT  A 1 5 ? -0.876  -2.211  -0.474  1.00 28.51 ? 5   DT  A "C5'" 1 
ATOM   88  C  "C4'" . DT  A 1 5 ? 0.259   -1.237  -0.676  1.00 32.85 ? 5   DT  A "C4'" 1 
ATOM   89  O  "O4'" . DT  A 1 5 ? -0.125  0.096   -0.265  1.00 26.65 ? 5   DT  A "O4'" 1 
ATOM   90  C  "C3'" . DT  A 1 5 ? 1.495   -1.595  0.150   1.00 29.57 ? 5   DT  A "C3'" 1 
ATOM   91  O  "O3'" . DT  A 1 5 ? 2.599   -1.809  -0.717  1.00 29.75 ? 5   DT  A "O3'" 1 
ATOM   92  C  "C2'" . DT  A 1 5 ? 1.726   -0.387  1.038   1.00 32.61 ? 5   DT  A "C2'" 1 
ATOM   93  C  "C1'" . DT  A 1 5 ? 1.011   0.715   0.292   1.00 26.34 ? 5   DT  A "C1'" 1 
ATOM   94  N  N1    . DT  A 1 5 ? 0.562   1.796   1.170   1.00 18.47 ? 5   DT  A N1    1 
ATOM   95  C  C2    . DT  A 1 5 ? 1.129   3.030   0.994   1.00 19.24 ? 5   DT  A C2    1 
ATOM   96  O  O2    . DT  A 1 5 ? 1.971   3.254   0.138   1.00 23.45 ? 5   DT  A O2    1 
ATOM   97  N  N3    . DT  A 1 5 ? 0.676   3.994   1.861   1.00 27.85 ? 5   DT  A N3    1 
ATOM   98  C  C4    . DT  A 1 5 ? -0.265  3.838   2.860   1.00 25.86 ? 5   DT  A C4    1 
ATOM   99  O  O4    . DT  A 1 5 ? -0.573  4.787   3.565   1.00 38.91 ? 5   DT  A O4    1 
ATOM   100 C  C5    . DT  A 1 5 ? -0.821  2.514   2.983   1.00 28.50 ? 5   DT  A C5    1 
ATOM   101 C  C7    . DT  A 1 5 ? -1.848  2.254   4.040   1.00 37.33 ? 5   DT  A C7    1 
ATOM   102 C  C6    . DT  A 1 5 ? -0.388  1.572   2.142   1.00 25.42 ? 5   DT  A C6    1 
ATOM   103 P  P     . DA  A 1 6 ? 3.400   -3.198  -0.638  1.00 32.07 ? 6   DA  A P     1 
ATOM   104 O  OP1   . DA  A 1 6 ? 2.484   -4.275  -1.109  1.00 32.45 ? 6   DA  A OP1   1 
ATOM   105 O  OP2   . DA  A 1 6 ? 4.030   -3.302  0.708   1.00 36.78 ? 6   DA  A OP2   1 
ATOM   106 O  "O5'" . DA  A 1 6 ? 4.517   -3.040  -1.750  1.00 32.67 ? 6   DA  A "O5'" 1 
ATOM   107 C  "C5'" . DA  A 1 6 ? 5.424   -1.957  -1.724  1.00 27.32 ? 6   DA  A "C5'" 1 
ATOM   108 C  "C4'" . DA  A 1 6 ? 6.559   -2.234  -2.677  1.00 27.53 ? 6   DA  A "C4'" 1 
ATOM   109 O  "O4'" . DA  A 1 6 ? 7.636   -1.351  -2.305  1.00 26.58 ? 6   DA  A "O4'" 1 
ATOM   110 C  "C3'" . DA  A 1 6 ? 7.141   -3.627  -2.478  1.00 29.33 ? 6   DA  A "C3'" 1 
ATOM   111 O  "O3'" . DA  A 1 6 ? 7.958   -3.974  -3.600  1.00 30.14 ? 6   DA  A "O3'" 1 
ATOM   112 C  "C2'" . DA  A 1 6 ? 7.974   -3.439  -1.225  1.00 20.57 ? 6   DA  A "C2'" 1 
ATOM   113 C  "C1'" . DA  A 1 6 ? 8.519   -2.025  -1.412  1.00 24.50 ? 6   DA  A "C1'" 1 
ATOM   114 N  N9    . DA  A 1 6 ? 8.588   -1.223  -0.192  1.00 17.13 ? 6   DA  A N9    1 
ATOM   115 C  C8    . DA  A 1 6 ? 7.801   -1.286  0.929   1.00 17.87 ? 6   DA  A C8    1 
ATOM   116 N  N7    . DA  A 1 6 ? 8.086   -0.366  1.823   1.00 12.90 ? 6   DA  A N7    1 
ATOM   117 C  C5    . DA  A 1 6 ? 9.138   0.335   1.254   1.00 17.38 ? 6   DA  A C5    1 
ATOM   118 C  C6    . DA  A 1 6 ? 9.880   1.441   1.688   1.00 16.20 ? 6   DA  A C6    1 
ATOM   119 N  N6    . DA  A 1 6 ? 9.671   2.059   2.854   1.00 16.26 ? 6   DA  A N6    1 
ATOM   120 N  N1    . DA  A 1 6 ? 10.858  1.896   0.876   1.00 18.67 ? 6   DA  A N1    1 
ATOM   121 C  C2    . DA  A 1 6 ? 11.072  1.269   -0.292  1.00 17.51 ? 6   DA  A C2    1 
ATOM   122 N  N3    . DA  A 1 6 ? 10.439  0.221   -0.809  1.00 16.56 ? 6   DA  A N3    1 
ATOM   123 C  C4    . DA  A 1 6 ? 9.470   -0.198  0.021   1.00 16.38 ? 6   DA  A C4    1 
ATOM   124 P  P     . DG  A 1 7 ? 8.755   -5.374  -3.612  1.00 27.73 ? 7   DG  A P     1 
ATOM   125 O  OP1   . DG  A 1 7 ? 9.087   -5.652  -5.035  1.00 37.19 ? 7   DG  A OP1   1 
ATOM   126 O  OP2   . DG  A 1 7 ? 8.004   -6.385  -2.824  1.00 27.72 ? 7   DG  A OP2   1 
ATOM   127 O  "O5'" . DG  A 1 7 ? 10.111  -5.039  -2.849  1.00 23.07 ? 7   DG  A "O5'" 1 
ATOM   128 C  "C5'" . DG  A 1 7 ? 11.025  -4.075  -3.367  1.00 19.50 ? 7   DG  A "C5'" 1 
ATOM   129 C  "C4'" . DG  A 1 7 ? 12.063  -3.730  -2.327  1.00 27.10 ? 7   DG  A "C4'" 1 
ATOM   130 O  "O4'" . DG  A 1 7 ? 11.396  -3.186  -1.170  1.00 22.12 ? 7   DG  A "O4'" 1 
ATOM   131 C  "C3'" . DG  A 1 7 ? 12.891  -4.916  -1.822  1.00 22.10 ? 7   DG  A "C3'" 1 
ATOM   132 O  "O3'" . DG  A 1 7 ? 14.261  -4.724  -2.172  1.00 29.74 ? 7   DG  A "O3'" 1 
ATOM   133 C  "C2'" . DG  A 1 7 ? 12.720  -4.894  -0.308  1.00 21.62 ? 7   DG  A "C2'" 1 
ATOM   134 C  "C1'" . DG  A 1 7 ? 12.147  -3.518  -0.028  1.00 19.70 ? 7   DG  A "C1'" 1 
ATOM   135 N  N9    . DG  A 1 7 ? 11.256  -3.449  1.123   1.00 13.15 ? 7   DG  A N9    1 
ATOM   136 C  C8    . DG  A 1 7 ? 10.256  -4.325  1.470   1.00 13.02 ? 7   DG  A C8    1 
ATOM   137 N  N7    . DG  A 1 7 ? 9.640   -3.989  2.571   1.00 17.25 ? 7   DG  A N7    1 
ATOM   138 C  C5    . DG  A 1 7 ? 10.265  -2.812  2.968   1.00 14.68 ? 7   DG  A C5    1 
ATOM   139 C  C6    . DG  A 1 7 ? 10.022  -1.973  4.084   1.00 14.12 ? 7   DG  A C6    1 
ATOM   140 O  O6    . DG  A 1 7 ? 9.173   -2.106  4.976   1.00 15.84 ? 7   DG  A O6    1 
ATOM   141 N  N1    . DG  A 1 7 ? 10.892  -0.883  4.103   1.00 15.47 ? 7   DG  A N1    1 
ATOM   142 C  C2    . DG  A 1 7 ? 11.866  -0.630  3.164   1.00 14.52 ? 7   DG  A C2    1 
ATOM   143 N  N2    . DG  A 1 7 ? 12.610  0.473   3.346   1.00 13.79 ? 7   DG  A N2    1 
ATOM   144 N  N3    . DG  A 1 7 ? 12.095  -1.404  2.118   1.00 16.43 ? 7   DG  A N3    1 
ATOM   145 C  C4    . DG  A 1 7 ? 11.266  -2.468  2.086   1.00 13.88 ? 7   DG  A C4    1 
ATOM   146 P  P     . DC  A 1 8 ? 15.293  -5.948  -2.044  1.00 30.17 ? 8   DC  A P     1 
ATOM   147 O  OP1   . DC  A 1 8 ? 16.026  -6.025  -3.330  1.00 38.05 ? 8   DC  A OP1   1 
ATOM   148 O  OP2   . DC  A 1 8 ? 14.560  -7.143  -1.541  1.00 29.43 ? 8   DC  A OP2   1 
ATOM   149 O  "O5'" . DC  A 1 8 ? 16.307  -5.453  -0.923  1.00 26.54 ? 8   DC  A "O5'" 1 
ATOM   150 C  "C5'" . DC  A 1 8 ? 16.970  -4.203  -1.060  1.00 31.82 ? 8   DC  A "C5'" 1 
ATOM   151 C  "C4'" . DC  A 1 8 ? 17.164  -3.553  0.290   1.00 29.44 ? 8   DC  A "C4'" 1 
ATOM   152 O  "O4'" . DC  A 1 8 ? 15.925  -3.137  0.902   1.00 23.45 ? 8   DC  A "O4'" 1 
ATOM   153 C  "C3'" . DC  A 1 8 ? 17.818  -4.402  1.367   1.00 26.76 ? 8   DC  A "C3'" 1 
ATOM   154 O  "O3'" . DC  A 1 8 ? 19.202  -4.678  1.142   1.00 35.65 ? 8   DC  A "O3'" 1 
ATOM   155 C  "C2'" . DC  A 1 8 ? 17.529  -3.583  2.613   1.00 20.21 ? 8   DC  A "C2'" 1 
ATOM   156 C  "C1'" . DC  A 1 8 ? 16.227  -2.841  2.269   1.00 18.19 ? 8   DC  A "C1'" 1 
ATOM   157 N  N1    . DC  A 1 8 ? 15.081  -3.239  3.106   1.00 16.07 ? 8   DC  A N1    1 
ATOM   158 C  C2    . DC  A 1 8 ? 14.654  -2.363  4.112   1.00 14.47 ? 8   DC  A C2    1 
ATOM   159 O  O2    . DC  A 1 8 ? 15.225  -1.270  4.236   1.00 16.83 ? 8   DC  A O2    1 
ATOM   160 N  N3    . DC  A 1 8 ? 13.639  -2.730  4.920   1.00 12.31 ? 8   DC  A N3    1 
ATOM   161 C  C4    . DC  A 1 8 ? 13.049  -3.912  4.755   1.00 15.22 ? 8   DC  A C4    1 
ATOM   162 N  N4    . DC  A 1 8 ? 12.057  -4.235  5.593   1.00 12.53 ? 8   DC  A N4    1 
ATOM   163 C  C5    . DC  A 1 8 ? 13.449  -4.818  3.725   1.00 12.48 ? 8   DC  A C5    1 
ATOM   164 C  C6    . DC  A 1 8 ? 14.457  -4.440  2.929   1.00 13.64 ? 8   DC  A C6    1 
HETATM 165 NA NA    . NA  B 2 . ? 6.785   -5.549  5.519   1.00 22.10 ? 102 NA  A NA    1 
HETATM 166 CL CL    . CL  C 3 . ? 1.222   6.952   7.287   0.33 27.18 ? 103 CL  A CL    1 
HETATM 167 CO CO    . NCO D 4 . ? -2.031  8.459   3.772   0.17 43.31 ? 100 NCO A CO    1 
HETATM 168 N  N1    . NCO D 4 . ? -3.686  9.435   4.116   0.17 44.14 ? 100 NCO A N1    1 
HETATM 169 N  N2    . NCO D 4 . ? -2.435  7.254   5.251   0.17 44.11 ? 100 NCO A N2    1 
HETATM 170 N  N3    . NCO D 4 . ? -1.079  9.638   4.995   0.17 44.09 ? 100 NCO A N3    1 
HETATM 171 N  N4    . NCO D 4 . ? -1.626  9.663   2.291   0.17 44.16 ? 100 NCO A N4    1 
HETATM 172 N  N5    . NCO D 4 . ? -2.984  7.273   2.546   0.17 44.13 ? 100 NCO A N5    1 
HETATM 173 N  N6    . NCO D 4 . ? -0.375  7.479   3.428   0.17 44.11 ? 100 NCO A N6    1 
HETATM 174 CO CO    . NCO E 4 . ? -8.063  11.257  -2.716  0.33 12.19 ? 101 NCO A CO    1 
HETATM 175 N  N1    . NCO E 4 . ? -8.353  9.792   -1.470  0.33 13.06 ? 101 NCO A N1    1 
HETATM 176 N  N2    . NCO E 4 . ? -8.719  10.139  -4.179  0.33 15.58 ? 101 NCO A N2    1 
HETATM 177 N  N3    . NCO E 4 . ? -6.230  10.599  -3.058  0.33 13.12 ? 101 NCO A N3    1 
HETATM 178 N  N4    . NCO E 4 . ? -7.381  12.370  -1.262  0.33 13.09 ? 101 NCO A N4    1 
HETATM 179 N  N5    . NCO E 4 . ? -9.867  11.908  -2.394  0.33 15.02 ? 101 NCO A N5    1 
HETATM 180 N  N6    . NCO E 4 . ? -7.752  12.722  -3.986  0.33 15.03 ? 101 NCO A N6    1 
HETATM 181 O  O     . HOH F 5 . ? -11.800 9.091   -3.332  1.00 19.32 ? 9   HOH A O     1 
HETATM 182 O  O     . HOH F 5 . ? 4.843   -1.339  6.872   1.00 27.01 ? 10  HOH A O     1 
HETATM 183 O  O     . HOH F 5 . ? -15.226 3.023   -6.121  1.00 24.54 ? 11  HOH A O     1 
HETATM 184 O  O     . HOH F 5 . ? 6.602   -1.655  8.989   1.00 42.74 ? 12  HOH A O     1 
HETATM 185 O  O     . HOH F 5 . ? 10.241  -5.586  9.720   0.50 41.84 ? 13  HOH A O     1 
HETATM 186 O  O     . HOH F 5 . ? 11.395  -7.795  7.500   1.00 37.66 ? 14  HOH A O     1 
HETATM 187 O  O     . HOH F 5 . ? 14.182  -0.324  0.171   1.00 38.41 ? 15  HOH A O     1 
HETATM 188 O  O     . HOH F 5 . ? 15.756  -11.025 -0.850  1.00 41.45 ? 16  HOH A O     1 
HETATM 189 O  O     . HOH F 5 . ? -14.801 13.112  -5.210  1.00 52.17 ? 17  HOH A O     1 
HETATM 190 O  O     . HOH F 5 . ? -8.568  -4.079  1.261   1.00 45.10 ? 18  HOH A O     1 
HETATM 191 O  O     . HOH F 5 . ? 7.041   -1.750  -6.586  1.00 56.16 ? 19  HOH A O     1 
HETATM 192 O  O     . HOH F 5 . ? 14.725  -12.290 -2.943  1.00 33.44 ? 20  HOH A O     1 
HETATM 193 O  O     . HOH F 5 . ? 17.429  -12.074 -3.401  1.00 30.65 ? 21  HOH A O     1 
HETATM 194 O  O     . HOH F 5 . ? 8.376   -9.544  5.872   1.00 36.03 ? 22  HOH A O     1 
HETATM 195 O  O     . HOH F 5 . ? -11.149 -10.034 9.560   1.00 69.35 ? 23  HOH A O     1 
HETATM 196 O  O     . HOH F 5 . ? -2.585  8.690   -4.933  1.00 34.88 ? 24  HOH A O     1 
HETATM 197 O  O     . HOH F 5 . ? -1.140  -4.388  13.767  1.00 37.78 ? 25  HOH A O     1 
HETATM 198 O  O     . HOH F 5 . ? -3.804  -3.547  13.657  1.00 28.15 ? 26  HOH A O     1 
HETATM 199 O  O     . HOH F 5 . ? -1.924  -2.191  5.666   1.00 46.54 ? 27  HOH A O     1 
HETATM 200 O  O     . HOH F 5 . ? 14.000  -1.066  -2.626  1.00 48.46 ? 28  HOH A O     1 
HETATM 201 O  O     . HOH F 5 . ? -3.763  -3.251  2.424   1.00 37.76 ? 29  HOH A O     1 
HETATM 202 O  O     . HOH F 5 . ? -1.995  -7.687  5.288   1.00 52.76 ? 30  HOH A O     1 
HETATM 203 O  O     . HOH F 5 . ? -12.082 11.700  -5.085  1.00 36.22 ? 31  HOH A O     1 
HETATM 204 O  O     . HOH F 5 . ? 2.737   -2.649  5.624   1.00 41.33 ? 32  HOH A O     1 
HETATM 205 O  O     . HOH F 5 . ? -14.723 13.707  -7.698  1.00 84.45 ? 33  HOH A O     1 
HETATM 206 O  O     . HOH F 5 . ? 2.994   5.042   -2.192  1.00 33.89 ? 34  HOH A O     1 
HETATM 207 O  O     . HOH F 5 . ? -3.756  0.219   6.037   1.00 49.94 ? 35  HOH A O     1 
HETATM 208 O  O     . HOH F 5 . ? 4.784   -8.586  9.551   1.00 39.99 ? 36  HOH A O     1 
HETATM 209 O  O     . HOH F 5 . ? -13.633 -9.913  11.620  1.00 44.96 ? 37  HOH A O     1 
HETATM 210 O  O     . HOH F 5 . ? 4.638   -1.662  2.809   1.00 33.78 ? 38  HOH A O     1 
HETATM 211 O  O     . HOH F 5 . ? 7.220   -7.401  6.589   1.00 51.22 ? 39  HOH A O     1 
HETATM 212 O  O     . HOH F 5 . ? 4.674   -1.082  -5.755  1.00 41.24 ? 40  HOH A O     1 
HETATM 213 O  O     . HOH F 5 . ? -5.325  8.026   1.941   1.00 53.04 ? 41  HOH A O     1 
HETATM 214 O  O     . HOH F 5 . ? 5.104   -3.893  -5.810  1.00 45.19 ? 42  HOH A O     1 
HETATM 215 O  O     . HOH F 5 . ? -1.189  -5.453  16.356  1.00 61.71 ? 43  HOH A O     1 
HETATM 216 O  O     . HOH F 5 . ? 6.344   -3.698  4.471   1.00 39.94 ? 44  HOH A O     1 
HETATM 217 O  O     . HOH F 5 . ? 18.166  0.458   4.958   0.50 48.41 ? 45  HOH A O     1 
HETATM 218 O  O     . HOH F 5 . ? -5.055  -0.988  3.884   1.00 60.05 ? 46  HOH A O     1 
HETATM 219 O  O     . HOH F 5 . ? -8.272  -2.456  4.893   0.50 50.13 ? 47  HOH A O     1 
HETATM 220 O  O     . HOH F 5 . ? 5.351   -5.000  7.068   1.00 41.25 ? 48  HOH A O     1 
HETATM 221 O  O     . HOH F 5 . ? 5.258   -6.524  4.445   1.00 47.50 ? 49  HOH A O     1 
HETATM 222 O  O     . HOH F 5 . ? -9.831  -11.296 11.980  1.00 68.78 ? 50  HOH A O     1 
HETATM 223 O  O     . HOH F 5 . ? 12.419  -6.992  10.007  1.00 58.07 ? 51  HOH A O     1 
HETATM 224 O  O     . HOH F 5 . ? -4.044  4.924   4.148   0.50 40.48 ? 52  HOH A O     1 
HETATM 225 O  O     . HOH F 5 . ? 5.798   -5.279  1.466   1.00 35.42 ? 53  HOH A O     1 
HETATM 226 O  O     . HOH F 5 . ? 10.789  2.274   -3.986  1.00 46.35 ? 54  HOH A O     1 
HETATM 227 O  O     . HOH F 5 . ? 1.726   -3.132  -4.680  0.50 63.99 ? 55  HOH A O     1 
HETATM 228 O  O     . HOH F 5 . ? -2.399  3.123   7.126   1.00 36.92 ? 56  HOH A O     1 
HETATM 229 O  O     . HOH F 5 . ? -3.608  -5.151  17.019  1.00 49.64 ? 57  HOH A O     1 
HETATM 230 O  O     . HOH F 5 . ? -1.006  -6.632  12.060  1.00 59.20 ? 58  HOH A O     1 
HETATM 231 O  O     . HOH F 5 . ? 19.932  1.671   -0.657  1.00 54.97 ? 59  HOH A O     1 
HETATM 232 O  O     . HOH F 5 . ? 7.585   -7.111  0.429   1.00 50.17 ? 60  HOH A O     1 
HETATM 233 O  O     . HOH F 5 . ? 23.146  -5.142  1.722   1.00 65.64 ? 61  HOH A O     1 
HETATM 234 O  O     . HOH F 5 . ? 4.387   -3.649  9.022   1.00 68.30 ? 62  HOH A O     1 
HETATM 235 O  O     . HOH F 5 . ? 8.260   -6.084  4.028   1.00 40.34 ? 63  HOH A O     1 
HETATM 236 O  O     . HOH F 5 . ? 1.892   -8.421  1.238   1.00 44.42 ? 64  HOH A O     1 
HETATM 237 O  O     . HOH F 5 . ? 19.438  0.336   2.269   1.00 59.22 ? 65  HOH A O     1 
HETATM 238 O  O     . HOH F 5 . ? 11.455  -0.236  -3.614  1.00 46.56 ? 66  HOH A O     1 
HETATM 239 O  O     . HOH F 5 . ? 8.349   -4.509  6.652   1.00 45.13 ? 67  HOH A O     1 
HETATM 240 O  O     . HOH F 5 . ? 9.158   -15.938 -3.514  1.00 56.80 ? 68  HOH A O     1 
HETATM 241 O  O     . HOH F 5 . ? 10.908  -13.916 -0.615  1.00 48.78 ? 69  HOH A O     1 
HETATM 242 O  O     . HOH F 5 . ? 0.844   -9.517  8.288   1.00 45.85 ? 70  HOH A O     1 
HETATM 243 O  O     . HOH F 5 . ? -7.500  -4.083  12.110  1.00 44.86 ? 71  HOH A O     1 
HETATM 244 O  O     . HOH F 5 . ? 15.555  2.452   -1.971  1.00 56.02 ? 72  HOH A O     1 
HETATM 245 O  O     . HOH F 5 . ? -10.213 -8.373  0.742   1.00 44.68 ? 73  HOH A O     1 
HETATM 246 O  O     . HOH F 5 . ? 1.105   -6.303  5.925   1.00 69.90 ? 74  HOH A O     1 
HETATM 247 O  O     . HOH F 5 . ? -3.598  -7.108  12.541  1.00 65.82 ? 75  HOH A O     1 
HETATM 248 O  O     . HOH F 5 . ? -1.682  -10.746 13.265  1.00 47.20 ? 76  HOH A O     1 
HETATM 249 O  O     . HOH F 5 . ? 9.295   -12.790 -3.422  1.00 51.39 ? 77  HOH A O     1 
HETATM 250 O  O     . HOH F 5 . ? 0.528   -7.717  -2.476  1.00 53.24 ? 78  HOH A O     1 
HETATM 251 O  O     . HOH F 5 . ? -6.397  -3.419  3.378   1.00 54.87 ? 79  HOH A O     1 
HETATM 252 O  O     . HOH F 5 . ? -3.608  -11.140 4.325   1.00 55.22 ? 80  HOH A O     1 
HETATM 253 O  O     . HOH F 5 . ? -3.399  -8.748  8.754   1.00 54.30 ? 81  HOH A O     1 
HETATM 254 O  O     . HOH F 5 . ? 24.663  -2.429  0.548   1.00 67.80 ? 82  HOH A O     1 
HETATM 255 O  O     . HOH F 5 . ? -4.132  -10.855 6.925   1.00 68.14 ? 83  HOH A O     1 
HETATM 256 O  O     . HOH F 5 . ? 23.208  -3.765  -1.541  0.50 64.61 ? 84  HOH A O     1 
HETATM 257 O  O     . HOH F 5 . ? 5.743   -9.331  -5.859  0.33 45.06 ? 85  HOH A O     1 
HETATM 258 O  O     . HOH F 5 . ? 7.841   -10.302 -3.607  0.33 56.82 ? 86  HOH A O     1 
HETATM 259 O  O     . HOH F 5 . ? 0.008   -1.741  3.451   1.00 52.06 ? 87  HOH A O     1 
HETATM 260 O  O     . HOH F 5 . ? -4.168  -11.526 1.122   1.00 46.36 ? 88  HOH A O     1 
HETATM 261 O  O     . HOH F 5 . ? -4.861  -4.777  11.239  1.00 51.21 ? 89  HOH A O     1 
HETATM 262 O  O     . HOH F 5 . ? -12.189 13.164  -7.161  0.33 41.92 ? 90  HOH A O     1 
HETATM 263 O  O     . HOH F 5 . ? -2.284  -6.013  2.478   1.00 54.43 ? 91  HOH A O     1 
HETATM 264 O  O     . HOH F 5 . ? 7.717   -4.650  10.753  1.00 54.57 ? 92  HOH A O     1 
HETATM 265 O  O     . HOH F 5 . ? -7.478  -7.161  1.841   1.00 47.65 ? 93  HOH A O     1 
HETATM 266 O  O     . HOH F 5 . ? 6.533   -8.909  16.982  1.00 49.47 ? 94  HOH A O     1 
HETATM 267 O  O     . HOH F 5 . ? -12.196 -11.259 4.751   0.50 57.73 ? 95  HOH A O     1 
HETATM 268 O  O     . HOH F 5 . ? -1.397  -8.766  -4.205  0.55 29.90 ? 96  HOH A O     1 
HETATM 269 O  O     . HOH F 5 . ? 7.223   -4.378  13.799  1.00 43.69 ? 97  HOH A O     1 
HETATM 270 O  O     . HOH F 5 . ? -0.053  -9.496  -0.433  1.00 54.54 ? 98  HOH A O     1 
HETATM 271 O  O     . HOH F 5 . ? 2.189   6.515   1.426   1.00 52.31 ? 99  HOH A O     1 
# 
